data_6TQ9
#
_entry.id   6TQ9
#
_cell.length_a   60.365
_cell.length_b   147.067
_cell.length_c   72.536
_cell.angle_alpha   90.000
_cell.angle_beta   111.090
_cell.angle_gamma   90.000
#
_symmetry.space_group_name_H-M   'P 1 21 1'
#
loop_
_entity.id
_entity.type
_entity.pdbx_description
1 polymer 'Orexin receptor type 1'
2 non-polymer 1-[6,8-bis(fluoranyl)-2-methyl-quinolin-4-yl]-3-[4-(dimethylamino)phenyl]urea
3 non-polymer 'octyl 1-thio-beta-D-glucopyranoside'
4 non-polymer 'SULFATE ION'
5 non-polymer '(1R)-2-{[(S)-{[(2S)-2,3-dihydroxypropyl]oxy}(hydroxy)phosphoryl]oxy}-1-[(hexadecanoyloxy)methyl]ethyl (9Z)-octadec-9-enoate'
6 water water
#
_entity_poly.entity_id   1
_entity_poly.type   'polypeptide(L)'
_entity_poly.pdbx_seq_one_letter_code
;AASEDEFLRYLWRDYLYPKQYAWVLIAAYVAVFVVALVGNTLVCLAVWRNHHMRTVTNYFLVNLSLADVLATAICLPASL
LVDITESWLFGHALCKVIPYLQAVSVSVAVLTLSFIALDRWYAICHPLLFKSTARRALGSILGIWAVSLAIMVPQAAVME
CSSVLPELAARTRAFSVCDERWADDLAPKIYHSCFFIVTYLAPLGLMAMAYFQIFRKLWGRQIPGTTSAEVKQMRARRKT
AKMLMVVVLVFALCYLPISVLNVLKRVFGMFRQASDREAVYAAFTFSHWLVYANSAANPIIYNFLSGKFREQFKAAFSWW
LPGLAAAHHHHHHHHH
;
_entity_poly.pdbx_strand_id   A,B
#
loop_
_chem_comp.id
_chem_comp.type
_chem_comp.name
_chem_comp.formula
NVN non-polymer 1-[6,8-bis(fluoranyl)-2-methyl-quinolin-4-yl]-3-[4-(dimethylamino)phenyl]urea 'C19 H18 F2 N4 O'
PGW non-polymer '(1R)-2-{[(S)-{[(2S)-2,3-dihydroxypropyl]oxy}(hydroxy)phosphoryl]oxy}-1-[(hexadecanoyloxy)methyl]ethyl (9Z)-octadec-9-enoate' 'C40 H77 O10 P'
SO4 non-polymer 'SULFATE ION' 'O4 S -2'
SOG D-saccharide 'octyl 1-thio-beta-D-glucopyranoside' 'C14 H28 O5 S'
#
# COMPACT_ATOMS: atom_id res chain seq x y z
N SER A 3 32.07 -40.90 -31.04
CA SER A 3 32.33 -42.16 -30.34
C SER A 3 32.87 -41.96 -28.93
N GLU A 4 34.20 -42.08 -28.82
CA GLU A 4 34.85 -42.13 -27.51
C GLU A 4 34.63 -40.85 -26.72
N ASP A 5 34.59 -39.71 -27.41
CA ASP A 5 34.35 -38.44 -26.72
C ASP A 5 32.89 -38.07 -26.70
N GLU A 6 32.10 -38.59 -27.65
CA GLU A 6 30.65 -38.40 -27.60
C GLU A 6 30.03 -39.09 -26.39
N PHE A 7 30.59 -40.23 -25.98
CA PHE A 7 30.15 -40.85 -24.74
C PHE A 7 30.38 -39.90 -23.57
N LEU A 8 31.56 -39.26 -23.54
CA LEU A 8 31.92 -38.42 -22.41
C LEU A 8 31.01 -37.20 -22.32
N ARG A 9 30.58 -36.68 -23.48
CA ARG A 9 29.62 -35.59 -23.50
C ARG A 9 28.23 -36.08 -23.09
N TYR A 10 27.80 -37.21 -23.66
CA TYR A 10 26.48 -37.74 -23.33
C TYR A 10 26.39 -38.20 -21.89
N LEU A 11 27.52 -38.55 -21.28
CA LEU A 11 27.50 -38.83 -19.85
C LEU A 11 27.20 -37.57 -19.05
N TRP A 12 27.56 -36.40 -19.58
CA TRP A 12 27.53 -35.19 -18.75
C TRP A 12 26.10 -34.68 -18.54
N ARG A 13 25.30 -34.62 -19.61
CA ARG A 13 23.93 -34.11 -19.50
C ARG A 13 22.93 -35.12 -18.95
N ASP A 14 23.16 -36.43 -19.09
CA ASP A 14 22.23 -37.42 -18.55
C ASP A 14 22.55 -37.82 -17.11
N TYR A 15 23.73 -37.52 -16.59
CA TYR A 15 24.06 -37.94 -15.23
C TYR A 15 24.87 -36.87 -14.54
N LEU A 16 26.02 -36.51 -15.11
CA LEU A 16 26.94 -35.61 -14.42
C LEU A 16 26.31 -34.24 -14.19
N TYR A 17 25.79 -33.62 -15.25
CA TYR A 17 25.06 -32.37 -15.05
C TYR A 17 23.85 -32.50 -14.15
N PRO A 18 22.96 -33.46 -14.36
CA PRO A 18 21.76 -33.55 -13.51
C PRO A 18 22.08 -33.73 -12.05
N LYS A 19 23.17 -34.44 -11.75
CA LYS A 19 23.57 -34.64 -10.36
C LYS A 19 24.22 -33.39 -9.79
N GLN A 20 25.17 -32.81 -10.53
CA GLN A 20 25.83 -31.58 -10.10
C GLN A 20 24.86 -30.42 -9.99
N TYR A 21 23.78 -30.43 -10.76
CA TYR A 21 22.74 -29.42 -10.68
C TYR A 21 21.88 -29.61 -9.44
N ALA A 22 21.44 -30.84 -9.17
CA ALA A 22 20.59 -31.08 -8.01
C ALA A 22 21.33 -30.85 -6.70
N TRP A 23 22.64 -31.15 -6.68
CA TRP A 23 23.40 -30.92 -5.46
C TRP A 23 23.43 -29.44 -5.14
N VAL A 24 23.77 -28.62 -6.14
CA VAL A 24 23.85 -27.18 -5.94
C VAL A 24 22.50 -26.64 -5.47
N LEU A 25 21.41 -27.22 -5.96
CA LEU A 25 20.08 -26.75 -5.56
C LEU A 25 19.84 -27.00 -4.07
N ILE A 26 20.07 -28.24 -3.61
CA ILE A 26 19.89 -28.54 -2.19
C ILE A 26 20.94 -27.83 -1.34
N ALA A 27 22.15 -27.62 -1.88
CA ALA A 27 23.19 -26.97 -1.10
C ALA A 27 22.82 -25.52 -0.80
N ALA A 28 22.45 -24.75 -1.83
CA ALA A 28 22.09 -23.36 -1.61
C ALA A 28 20.87 -23.23 -0.71
N TYR A 29 19.95 -24.18 -0.78
CA TYR A 29 18.73 -24.10 0.03
C TYR A 29 19.00 -24.42 1.49
N VAL A 30 19.80 -25.47 1.77
CA VAL A 30 20.13 -25.78 3.16
C VAL A 30 20.94 -24.66 3.79
N ALA A 31 21.86 -24.06 3.02
CA ALA A 31 22.64 -22.94 3.56
C ALA A 31 21.73 -21.77 3.93
N VAL A 32 20.85 -21.38 3.00
CA VAL A 32 19.93 -20.29 3.28
C VAL A 32 19.00 -20.66 4.42
N PHE A 33 18.47 -21.90 4.40
CA PHE A 33 17.59 -22.35 5.46
C PHE A 33 18.25 -22.23 6.84
N VAL A 34 19.48 -22.75 6.97
CA VAL A 34 20.17 -22.72 8.25
C VAL A 34 20.57 -21.28 8.61
N VAL A 35 21.33 -20.62 7.74
CA VAL A 35 21.82 -19.28 8.06
C VAL A 35 20.66 -18.33 8.30
N ALA A 36 19.66 -18.31 7.40
CA ALA A 36 18.50 -17.46 7.60
C ALA A 36 17.81 -17.77 8.93
N LEU A 37 17.74 -19.06 9.29
CA LEU A 37 17.14 -19.43 10.56
C LEU A 37 18.02 -18.99 11.72
N VAL A 38 19.31 -19.36 11.69
CA VAL A 38 20.21 -18.91 12.74
C VAL A 38 20.35 -17.40 12.73
N GLY A 39 20.34 -16.80 11.53
CA GLY A 39 20.54 -15.37 11.41
C GLY A 39 19.46 -14.57 12.11
N ASN A 40 18.21 -14.73 11.68
CA ASN A 40 17.13 -13.93 12.26
C ASN A 40 16.91 -14.25 13.73
N THR A 41 17.17 -15.49 14.16
CA THR A 41 17.04 -15.83 15.58
C THR A 41 17.99 -15.01 16.44
N LEU A 42 19.26 -14.91 16.02
CA LEU A 42 20.20 -14.07 16.75
C LEU A 42 19.80 -12.61 16.67
N VAL A 43 19.16 -12.21 15.57
CA VAL A 43 18.73 -10.81 15.44
C VAL A 43 17.72 -10.46 16.51
N CYS A 44 16.85 -11.41 16.89
CA CYS A 44 15.91 -11.15 17.98
C CYS A 44 16.60 -11.10 19.34
N LEU A 45 17.58 -11.98 19.56
CA LEU A 45 18.27 -11.99 20.86
C LEU A 45 19.12 -10.75 21.05
N ALA A 46 19.65 -10.19 19.96
CA ALA A 46 20.34 -8.91 20.09
C ALA A 46 19.37 -7.83 20.53
N VAL A 47 18.08 -7.99 20.22
CA VAL A 47 17.08 -7.03 20.67
C VAL A 47 16.51 -7.38 22.05
N TRP A 48 16.19 -8.65 22.32
CA TRP A 48 15.68 -9.00 23.64
C TRP A 48 16.72 -8.78 24.73
N ARG A 49 18.00 -9.02 24.42
CA ARG A 49 19.05 -8.86 25.43
C ARG A 49 19.51 -7.41 25.56
N ASN A 50 19.99 -6.82 24.45
CA ASN A 50 20.63 -5.51 24.49
C ASN A 50 19.56 -4.44 24.59
N HIS A 51 19.40 -3.88 25.80
CA HIS A 51 18.35 -2.90 26.04
C HIS A 51 18.57 -1.59 25.29
N HIS A 52 19.83 -1.24 24.99
CA HIS A 52 20.09 -0.01 24.22
C HIS A 52 19.60 -0.09 22.77
N MET A 53 19.52 -1.29 22.19
CA MET A 53 19.22 -1.45 20.77
C MET A 53 17.73 -1.56 20.47
N ARG A 54 16.88 -0.96 21.31
CA ARG A 54 15.43 -1.06 21.09
C ARG A 54 14.81 0.19 20.49
N THR A 55 15.29 0.64 19.34
CA THR A 55 14.66 1.78 18.66
C THR A 55 13.44 1.32 17.84
N VAL A 56 12.70 2.31 17.35
CA VAL A 56 11.56 2.01 16.46
C VAL A 56 12.03 1.19 15.27
N THR A 57 13.21 1.52 14.72
CA THR A 57 13.71 0.81 13.55
C THR A 57 14.00 -0.65 13.86
N ASN A 58 14.51 -0.96 15.06
CA ASN A 58 14.85 -2.34 15.38
C ASN A 58 13.62 -3.20 15.62
N TYR A 59 12.58 -2.63 16.25
CA TYR A 59 11.34 -3.38 16.40
C TYR A 59 10.76 -3.72 15.04
N PHE A 60 10.93 -2.82 14.08
CA PHE A 60 10.51 -3.11 12.71
C PHE A 60 11.42 -4.16 12.07
N LEU A 61 12.75 -4.01 12.24
CA LEU A 61 13.67 -5.01 11.71
C LEU A 61 13.48 -6.37 12.35
N VAL A 62 13.10 -6.41 13.63
CA VAL A 62 12.74 -7.69 14.26
C VAL A 62 11.49 -8.24 13.59
N ASN A 63 10.51 -7.38 13.32
CA ASN A 63 9.33 -7.84 12.58
C ASN A 63 9.69 -8.33 11.18
N LEU A 64 10.71 -7.73 10.56
CA LEU A 64 11.18 -8.23 9.26
C LEU A 64 11.68 -9.66 9.36
N SER A 65 12.33 -10.02 10.47
CA SER A 65 12.75 -11.40 10.66
C SER A 65 11.56 -12.33 10.82
N LEU A 66 10.48 -11.83 11.43
CA LEU A 66 9.32 -12.70 11.66
C LEU A 66 8.68 -13.16 10.35
N ALA A 67 8.58 -12.26 9.37
CA ALA A 67 8.12 -12.67 8.04
C ALA A 67 9.12 -13.62 7.39
N ASP A 68 10.43 -13.35 7.56
CA ASP A 68 11.43 -14.20 6.93
C ASP A 68 11.41 -15.62 7.48
N VAL A 69 11.13 -15.77 8.78
CA VAL A 69 11.12 -17.10 9.38
C VAL A 69 9.89 -17.88 8.94
N LEU A 70 8.72 -17.23 8.98
CA LEU A 70 7.52 -17.85 8.44
C LEU A 70 7.78 -18.34 7.03
N ALA A 71 8.48 -17.53 6.22
CA ALA A 71 8.86 -17.96 4.88
C ALA A 71 9.85 -19.11 4.93
N THR A 72 10.92 -18.99 5.75
CA THR A 72 11.95 -20.00 5.76
C THR A 72 11.46 -21.32 6.35
N ALA A 73 10.88 -21.28 7.54
CA ALA A 73 10.53 -22.51 8.23
C ALA A 73 9.42 -23.26 7.50
N ILE A 74 8.35 -22.55 7.15
CA ILE A 74 7.18 -23.20 6.56
C ILE A 74 7.32 -23.28 5.05
N CYS A 75 7.49 -22.12 4.40
CA CYS A 75 7.46 -22.07 2.94
C CYS A 75 8.73 -22.65 2.33
N LEU A 76 9.90 -22.28 2.85
CA LEU A 76 11.15 -22.67 2.20
C LEU A 76 11.28 -24.17 1.99
N PRO A 77 11.03 -25.02 3.00
CA PRO A 77 11.09 -26.47 2.73
C PRO A 77 10.15 -26.89 1.62
N ALA A 78 8.98 -26.27 1.57
CA ALA A 78 8.03 -26.54 0.49
C ALA A 78 8.57 -26.03 -0.83
N SER A 79 9.30 -24.90 -0.79
CA SER A 79 9.86 -24.34 -2.01
C SER A 79 10.92 -25.23 -2.64
N LEU A 80 11.71 -25.93 -1.83
CA LEU A 80 12.73 -26.82 -2.36
C LEU A 80 12.14 -27.99 -3.12
N LEU A 81 11.14 -28.67 -2.52
CA LEU A 81 10.61 -29.87 -3.16
C LEU A 81 9.97 -29.57 -4.51
N VAL A 82 9.34 -28.40 -4.65
CA VAL A 82 8.69 -28.08 -5.91
C VAL A 82 9.72 -27.82 -6.99
N ASP A 83 10.79 -27.12 -6.65
CA ASP A 83 11.83 -26.83 -7.63
C ASP A 83 12.55 -28.10 -8.08
N ILE A 84 12.61 -29.12 -7.22
CA ILE A 84 13.26 -30.37 -7.62
C ILE A 84 12.35 -31.20 -8.50
N THR A 85 11.17 -31.56 -7.97
CA THR A 85 10.23 -32.41 -8.69
C THR A 85 9.30 -31.63 -9.59
N GLU A 86 8.93 -30.42 -9.18
CA GLU A 86 7.90 -29.63 -9.85
C GLU A 86 6.55 -30.36 -9.88
N SER A 87 6.23 -30.99 -8.76
CA SER A 87 4.91 -31.52 -8.44
C SER A 87 4.56 -31.01 -7.06
N TRP A 88 3.27 -30.88 -6.77
CA TRP A 88 2.84 -30.52 -5.43
C TRP A 88 2.56 -31.77 -4.62
N LEU A 89 3.26 -31.92 -3.50
CA LEU A 89 3.17 -33.14 -2.72
C LEU A 89 2.59 -32.93 -1.31
N PHE A 90 2.14 -31.73 -0.96
CA PHE A 90 1.60 -31.47 0.37
C PHE A 90 0.09 -31.39 0.41
N GLY A 91 -0.59 -31.81 -0.65
CA GLY A 91 -2.03 -31.93 -0.63
C GLY A 91 -2.74 -30.63 -0.98
N HIS A 92 -4.07 -30.74 -1.07
CA HIS A 92 -4.88 -29.63 -1.55
C HIS A 92 -4.77 -28.41 -0.64
N ALA A 93 -4.64 -28.63 0.68
CA ALA A 93 -4.79 -27.54 1.64
C ALA A 93 -3.51 -26.74 1.80
N LEU A 94 -2.36 -27.42 1.94
CA LEU A 94 -1.10 -26.69 2.00
C LEU A 94 -0.79 -25.98 0.69
N CYS A 95 -1.44 -26.40 -0.41
CA CYS A 95 -1.39 -25.65 -1.65
C CYS A 95 -1.88 -24.22 -1.44
N LYS A 96 -2.83 -24.02 -0.53
CA LYS A 96 -3.30 -22.67 -0.23
C LYS A 96 -2.56 -22.02 0.94
N VAL A 97 -2.16 -22.79 1.96
CA VAL A 97 -1.54 -22.16 3.13
C VAL A 97 -0.14 -21.67 2.78
N ILE A 98 0.71 -22.56 2.27
CA ILE A 98 2.12 -22.22 2.04
C ILE A 98 2.24 -20.98 1.17
N PRO A 99 1.61 -20.89 -0.02
CA PRO A 99 1.69 -19.65 -0.80
C PRO A 99 1.15 -18.45 -0.04
N TYR A 100 0.11 -18.65 0.76
CA TYR A 100 -0.49 -17.53 1.48
C TYR A 100 0.48 -16.99 2.52
N LEU A 101 1.08 -17.87 3.32
CA LEU A 101 2.12 -17.44 4.25
C LEU A 101 3.27 -16.78 3.51
N GLN A 102 3.70 -17.39 2.41
CA GLN A 102 4.76 -16.79 1.59
C GLN A 102 4.33 -15.43 1.07
N ALA A 103 3.10 -15.32 0.56
CA ALA A 103 2.60 -14.02 0.11
C ALA A 103 2.47 -13.05 1.27
N VAL A 104 2.02 -13.54 2.43
CA VAL A 104 1.88 -12.68 3.60
C VAL A 104 3.26 -12.21 4.08
N SER A 105 4.26 -13.10 4.02
CA SER A 105 5.59 -12.72 4.46
C SER A 105 6.23 -11.66 3.56
N VAL A 106 5.92 -11.69 2.25
CA VAL A 106 6.34 -10.61 1.36
C VAL A 106 5.70 -9.31 1.79
N SER A 107 4.38 -9.32 1.99
CA SER A 107 3.69 -8.09 2.39
C SER A 107 4.23 -7.56 3.70
N VAL A 108 4.32 -8.40 4.73
CA VAL A 108 4.82 -7.94 6.02
C VAL A 108 6.24 -7.41 5.89
N ALA A 109 7.04 -8.04 5.02
CA ALA A 109 8.40 -7.56 4.76
C ALA A 109 8.38 -6.18 4.12
N VAL A 110 7.83 -6.10 2.91
CA VAL A 110 7.88 -4.83 2.18
C VAL A 110 7.15 -3.74 2.95
N LEU A 111 6.14 -4.10 3.75
CA LEU A 111 5.45 -3.10 4.56
C LEU A 111 6.34 -2.61 5.70
N THR A 112 7.02 -3.53 6.39
CA THR A 112 7.88 -3.14 7.49
C THR A 112 8.99 -2.21 7.02
N LEU A 113 9.57 -2.52 5.85
CA LEU A 113 10.64 -1.67 5.33
C LEU A 113 10.12 -0.26 5.03
N SER A 114 8.87 -0.14 4.56
CA SER A 114 8.31 1.18 4.30
C SER A 114 8.10 1.95 5.61
N PHE A 115 7.63 1.27 6.66
CA PHE A 115 7.45 1.95 7.94
C PHE A 115 8.78 2.37 8.53
N ILE A 116 9.82 1.56 8.37
CA ILE A 116 11.14 1.99 8.84
C ILE A 116 11.60 3.19 8.04
N ALA A 117 11.30 3.20 6.75
CA ALA A 117 11.60 4.38 5.94
C ALA A 117 10.74 5.56 6.36
N LEU A 118 9.46 5.32 6.66
CA LEU A 118 8.54 6.40 7.00
C LEU A 118 8.85 6.98 8.37
N ASP A 119 9.05 6.10 9.36
CA ASP A 119 9.43 6.58 10.69
C ASP A 119 10.73 7.37 10.65
N ARG A 120 11.71 6.90 9.88
CA ARG A 120 12.97 7.63 9.77
C ARG A 120 12.82 8.89 8.92
N TRP A 121 12.01 8.86 7.86
CA TRP A 121 11.85 10.04 7.04
C TRP A 121 11.25 11.19 7.85
N TYR A 122 10.32 10.88 8.76
CA TYR A 122 9.80 11.90 9.66
C TYR A 122 10.78 12.20 10.77
N ALA A 123 11.47 11.17 11.30
CA ALA A 123 12.39 11.40 12.41
C ALA A 123 13.58 12.24 12.00
N ILE A 124 14.04 12.11 10.75
CA ILE A 124 15.22 12.82 10.27
C ILE A 124 14.86 13.99 9.37
N CYS A 125 13.92 13.79 8.44
CA CYS A 125 13.59 14.88 7.51
C CYS A 125 12.52 15.83 8.03
N HIS A 126 11.57 15.36 8.83
CA HIS A 126 10.49 16.22 9.32
C HIS A 126 10.23 16.00 10.81
N PRO A 127 11.16 16.44 11.66
CA PRO A 127 11.14 16.08 13.08
C PRO A 127 9.96 16.66 13.85
N LEU A 128 9.62 15.98 14.95
CA LEU A 128 8.54 16.30 15.88
C LEU A 128 7.23 16.62 15.17
N LEU A 129 7.16 16.28 13.89
CA LEU A 129 5.88 16.21 13.20
C LEU A 129 5.06 15.10 13.83
N PHE A 130 5.54 13.87 13.72
CA PHE A 130 5.01 12.73 14.44
C PHE A 130 6.06 12.28 15.44
N LYS A 131 5.66 12.08 16.69
CA LYS A 131 6.58 11.49 17.63
C LYS A 131 6.43 10.00 17.47
N SER A 132 7.53 9.32 17.21
CA SER A 132 7.49 7.87 17.01
C SER A 132 8.26 7.27 18.17
N THR A 133 7.51 6.70 19.08
CA THR A 133 8.05 5.97 20.22
C THR A 133 7.93 4.49 19.91
N ALA A 134 8.61 3.66 20.70
CA ALA A 134 8.48 2.23 20.50
C ALA A 134 7.02 1.80 20.64
N ARG A 135 6.24 2.51 21.46
CA ARG A 135 4.83 2.18 21.60
C ARG A 135 4.06 2.38 20.30
N ARG A 136 4.34 3.46 19.58
CA ARG A 136 3.74 3.61 18.26
C ARG A 136 4.43 2.74 17.21
N ALA A 137 5.71 2.42 17.43
CA ALA A 137 6.40 1.50 16.54
C ALA A 137 5.79 0.11 16.60
N LEU A 138 5.40 -0.34 17.79
CA LEU A 138 4.77 -1.66 17.93
C LEU A 138 3.33 -1.67 17.43
N GLY A 139 2.58 -0.58 17.62
CA GLY A 139 1.26 -0.51 17.05
C GLY A 139 1.28 -0.69 15.54
N SER A 140 2.24 -0.02 14.88
CA SER A 140 2.40 -0.17 13.44
C SER A 140 2.69 -1.61 13.05
N ILE A 141 3.51 -2.30 13.86
CA ILE A 141 3.92 -3.66 13.51
C ILE A 141 2.73 -4.60 13.49
N LEU A 142 1.74 -4.36 14.37
CA LEU A 142 0.57 -5.24 14.39
C LEU A 142 -0.33 -5.02 13.17
N GLY A 143 -0.42 -3.79 12.67
CA GLY A 143 -1.25 -3.54 11.50
C GLY A 143 -0.70 -4.19 10.25
N ILE A 144 0.63 -4.26 10.13
CA ILE A 144 1.23 -4.87 8.95
C ILE A 144 0.71 -6.28 8.76
N TRP A 145 0.68 -7.05 9.85
CA TRP A 145 0.15 -8.41 9.75
C TRP A 145 -1.34 -8.40 9.43
N ALA A 146 -2.10 -7.48 10.01
CA ALA A 146 -3.53 -7.43 9.71
C ALA A 146 -3.77 -7.14 8.22
N VAL A 147 -2.93 -6.31 7.59
CA VAL A 147 -3.08 -6.04 6.17
C VAL A 147 -2.48 -7.18 5.33
N SER A 148 -1.29 -7.65 5.72
CA SER A 148 -0.68 -8.73 4.96
C SER A 148 -1.56 -9.97 4.96
N LEU A 149 -2.16 -10.28 6.11
CA LEU A 149 -3.01 -11.46 6.22
C LEU A 149 -4.27 -11.29 5.41
N ALA A 150 -4.76 -10.05 5.25
CA ALA A 150 -5.97 -9.82 4.45
C ALA A 150 -5.68 -9.87 2.95
N ILE A 151 -4.92 -8.91 2.45
CA ILE A 151 -4.84 -8.75 1.01
C ILE A 151 -4.21 -9.94 0.30
N MET A 152 -3.46 -10.78 1.01
CA MET A 152 -3.03 -12.04 0.41
C MET A 152 -4.13 -13.09 0.39
N VAL A 153 -5.27 -12.81 1.06
CA VAL A 153 -6.40 -13.75 1.02
C VAL A 153 -6.93 -13.99 -0.38
N PRO A 154 -7.14 -12.97 -1.21
CA PRO A 154 -7.60 -13.23 -2.60
C PRO A 154 -6.64 -14.14 -3.32
N GLN A 155 -5.35 -14.01 -3.02
CA GLN A 155 -4.35 -14.95 -3.50
C GLN A 155 -4.73 -16.39 -3.12
N ALA A 156 -5.03 -16.62 -1.84
CA ALA A 156 -5.34 -17.98 -1.40
C ALA A 156 -6.55 -18.54 -2.11
N ALA A 157 -7.52 -17.69 -2.44
CA ALA A 157 -8.71 -18.17 -3.14
C ALA A 157 -8.37 -18.70 -4.53
N VAL A 158 -7.45 -18.03 -5.23
CA VAL A 158 -7.17 -18.44 -6.60
C VAL A 158 -6.42 -19.76 -6.67
N MET A 159 -5.73 -20.14 -5.61
CA MET A 159 -4.99 -21.39 -5.59
C MET A 159 -5.91 -22.61 -5.72
N GLU A 160 -5.54 -23.51 -6.61
CA GLU A 160 -6.20 -24.80 -6.73
C GLU A 160 -5.17 -25.88 -7.00
N CYS A 161 -5.35 -27.03 -6.36
CA CYS A 161 -4.49 -28.19 -6.59
C CYS A 161 -5.07 -28.98 -7.75
N SER A 162 -4.26 -29.14 -8.81
CA SER A 162 -4.71 -29.80 -10.06
C SER A 162 -4.68 -31.32 -9.93
N SER A 163 -5.82 -31.95 -10.21
CA SER A 163 -5.96 -33.43 -10.15
C SER A 163 -5.01 -34.05 -11.18
N VAL A 164 -4.95 -33.44 -12.36
CA VAL A 164 -4.06 -33.92 -13.47
C VAL A 164 -2.62 -33.57 -13.09
N ALA A 174 -0.12 -38.92 -12.95
CA ALA A 174 -0.46 -39.43 -11.63
C ALA A 174 0.08 -38.54 -10.51
N PHE A 175 0.32 -37.27 -10.85
CA PHE A 175 0.91 -36.32 -9.89
C PHE A 175 0.10 -35.02 -9.88
N SER A 176 0.06 -34.40 -8.71
CA SER A 176 -0.67 -33.15 -8.47
C SER A 176 0.23 -31.93 -8.72
N VAL A 177 -0.43 -30.79 -9.02
CA VAL A 177 0.23 -29.49 -9.17
C VAL A 177 -0.61 -28.42 -8.46
N CYS A 178 0.08 -27.44 -7.87
CA CYS A 178 -0.56 -26.30 -7.18
C CYS A 178 -0.33 -25.04 -8.01
N ASP A 179 -1.42 -24.40 -8.43
CA ASP A 179 -1.32 -23.19 -9.24
C ASP A 179 -2.62 -22.39 -9.12
N GLU A 180 -2.54 -21.12 -9.50
CA GLU A 180 -3.71 -20.24 -9.48
C GLU A 180 -4.75 -20.69 -10.49
N ARG A 181 -6.02 -20.71 -10.07
CA ARG A 181 -7.15 -21.00 -10.96
C ARG A 181 -7.88 -19.70 -11.27
N TRP A 182 -7.61 -19.13 -12.44
CA TRP A 182 -8.24 -17.90 -12.90
C TRP A 182 -9.36 -18.22 -13.86
N ALA A 183 -10.55 -17.65 -13.60
CA ALA A 183 -11.72 -17.88 -14.43
C ALA A 183 -11.59 -17.25 -15.81
N ASP A 184 -10.74 -16.23 -15.96
CA ASP A 184 -10.64 -15.53 -17.23
C ASP A 184 -9.25 -14.95 -17.38
N ASP A 185 -8.90 -14.65 -18.64
CA ASP A 185 -7.58 -14.16 -18.97
C ASP A 185 -7.28 -12.81 -18.33
N LEU A 186 -8.28 -11.95 -18.17
CA LEU A 186 -8.01 -10.56 -17.86
C LEU A 186 -7.78 -10.34 -16.37
N ALA A 187 -8.51 -11.06 -15.53
CA ALA A 187 -8.35 -10.89 -14.08
C ALA A 187 -6.92 -11.15 -13.63
N PRO A 188 -6.27 -12.26 -14.02
CA PRO A 188 -4.88 -12.46 -13.58
C PRO A 188 -3.96 -11.35 -14.05
N LYS A 189 -4.22 -10.77 -15.22
CA LYS A 189 -3.42 -9.63 -15.68
C LYS A 189 -3.56 -8.45 -14.73
N ILE A 190 -4.80 -8.13 -14.34
CA ILE A 190 -5.05 -6.99 -13.48
C ILE A 190 -4.59 -7.29 -12.06
N TYR A 191 -4.90 -8.48 -11.56
CA TYR A 191 -4.47 -8.84 -10.20
C TYR A 191 -2.96 -8.70 -10.05
N HIS A 192 -2.20 -9.40 -10.90
CA HIS A 192 -0.74 -9.42 -10.81
C HIS A 192 -0.08 -8.10 -11.24
N SER A 193 -0.74 -7.31 -12.09
CA SER A 193 -0.25 -5.96 -12.36
C SER A 193 -0.41 -5.05 -11.14
N CYS A 194 -1.56 -5.16 -10.47
CA CYS A 194 -1.81 -4.33 -9.29
C CYS A 194 -0.85 -4.67 -8.15
N PHE A 195 -0.57 -5.97 -7.93
CA PHE A 195 0.22 -6.33 -6.76
C PHE A 195 1.72 -6.21 -6.99
N PHE A 196 2.18 -6.23 -8.24
CA PHE A 196 3.57 -5.88 -8.47
C PHE A 196 3.79 -4.40 -8.18
N ILE A 197 2.82 -3.58 -8.55
CA ILE A 197 2.89 -2.16 -8.23
C ILE A 197 2.79 -1.94 -6.73
N VAL A 198 1.83 -2.61 -6.08
CA VAL A 198 1.50 -2.30 -4.69
C VAL A 198 2.58 -2.79 -3.72
N THR A 199 3.19 -3.95 -4.00
CA THR A 199 4.08 -4.59 -3.03
C THR A 199 5.54 -4.70 -3.48
N TYR A 200 5.91 -4.09 -4.61
CA TYR A 200 7.32 -4.04 -4.98
C TYR A 200 7.68 -2.65 -5.48
N LEU A 201 7.09 -2.25 -6.61
CA LEU A 201 7.55 -1.05 -7.27
C LEU A 201 7.14 0.21 -6.50
N ALA A 202 5.86 0.32 -6.13
CA ALA A 202 5.43 1.53 -5.43
C ALA A 202 6.14 1.69 -4.09
N PRO A 203 6.17 0.68 -3.22
CA PRO A 203 6.95 0.81 -1.98
C PRO A 203 8.43 1.04 -2.18
N LEU A 204 9.05 0.30 -3.10
CA LEU A 204 10.49 0.43 -3.24
C LEU A 204 10.86 1.77 -3.87
N GLY A 205 10.09 2.22 -4.86
CA GLY A 205 10.38 3.51 -5.45
C GLY A 205 10.18 4.66 -4.48
N LEU A 206 9.11 4.57 -3.66
CA LEU A 206 8.88 5.59 -2.64
C LEU A 206 9.95 5.53 -1.57
N MET A 207 10.26 4.33 -1.06
CA MET A 207 11.31 4.21 -0.05
C MET A 207 12.63 4.72 -0.59
N ALA A 208 12.89 4.51 -1.88
CA ALA A 208 14.13 5.00 -2.47
C ALA A 208 14.18 6.53 -2.47
N MET A 209 13.10 7.17 -2.92
CA MET A 209 13.06 8.63 -2.86
C MET A 209 13.17 9.12 -1.43
N ALA A 210 12.65 8.35 -0.46
CA ALA A 210 12.80 8.73 0.94
C ALA A 210 14.26 8.70 1.37
N TYR A 211 14.97 7.62 1.03
CA TYR A 211 16.33 7.47 1.50
C TYR A 211 17.31 8.40 0.79
N PHE A 212 17.01 8.78 -0.45
CA PHE A 212 17.83 9.80 -1.11
C PHE A 212 17.72 11.13 -0.39
N GLN A 213 16.53 11.48 0.08
CA GLN A 213 16.37 12.71 0.85
C GLN A 213 17.17 12.65 2.15
N ILE A 214 17.32 11.44 2.72
CA ILE A 214 18.10 11.29 3.93
C ILE A 214 19.60 11.42 3.64
N PHE A 215 20.07 10.83 2.53
CA PHE A 215 21.49 10.90 2.23
C PHE A 215 21.95 12.34 1.99
N ARG A 216 21.14 13.12 1.27
CA ARG A 216 21.52 14.50 1.03
C ARG A 216 21.53 15.31 2.31
N LYS A 217 20.73 14.92 3.30
CA LYS A 217 20.75 15.61 4.58
C LYS A 217 21.96 15.20 5.41
N LEU A 218 22.10 13.89 5.67
CA LEU A 218 23.19 13.41 6.52
C LEU A 218 24.55 13.62 5.88
N TRP A 219 24.61 13.61 4.56
CA TRP A 219 25.90 13.77 3.88
C TRP A 219 25.91 15.00 3.01
N GLY A 225 27.08 25.46 14.17
CA GLY A 225 27.34 25.46 15.59
C GLY A 225 26.52 24.45 16.37
N THR A 226 26.32 23.27 15.76
CA THR A 226 25.55 22.20 16.39
C THR A 226 26.35 21.52 17.49
N THR A 227 25.62 20.97 18.46
CA THR A 227 26.20 20.51 19.71
C THR A 227 27.03 19.23 19.48
N SER A 228 27.96 19.00 20.41
CA SER A 228 28.78 17.80 20.35
C SER A 228 27.92 16.54 20.40
N ALA A 229 26.82 16.58 21.16
CA ALA A 229 25.91 15.45 21.16
C ALA A 229 25.16 15.32 19.84
N GLU A 230 24.89 16.44 19.17
CA GLU A 230 24.13 16.39 17.92
C GLU A 230 24.93 15.68 16.83
N VAL A 231 26.21 16.03 16.68
CA VAL A 231 27.03 15.35 15.69
C VAL A 231 27.22 13.89 16.12
N LYS A 232 27.17 13.64 17.43
CA LYS A 232 27.11 12.26 17.91
C LYS A 232 25.81 11.60 17.48
N GLN A 233 24.74 12.39 17.34
CA GLN A 233 23.50 11.86 16.79
C GLN A 233 23.62 11.64 15.29
N MET A 234 24.27 12.56 14.58
CA MET A 234 24.49 12.40 13.15
C MET A 234 25.37 11.17 12.87
N ARG A 235 26.38 10.96 13.73
CA ARG A 235 27.30 9.85 13.50
C ARG A 235 26.57 8.52 13.64
N ALA A 236 25.58 8.45 14.53
CA ALA A 236 24.80 7.23 14.67
C ALA A 236 23.78 7.11 13.55
N ARG A 237 23.13 8.22 13.19
CA ARG A 237 22.12 8.17 12.12
C ARG A 237 22.76 7.82 10.77
N ARG A 238 24.00 8.23 10.51
CA ARG A 238 24.66 7.79 9.28
C ARG A 238 24.94 6.29 9.30
N LYS A 239 25.41 5.77 10.45
CA LYS A 239 25.68 4.33 10.52
C LYS A 239 24.40 3.53 10.35
N THR A 240 23.27 4.05 10.85
CA THR A 240 21.99 3.40 10.59
C THR A 240 21.51 3.67 9.17
N ALA A 241 21.61 4.92 8.72
CA ALA A 241 21.20 5.25 7.35
C ALA A 241 22.00 4.46 6.33
N LYS A 242 23.32 4.37 6.53
CA LYS A 242 24.15 3.57 5.63
C LYS A 242 23.69 2.11 5.63
N MET A 243 23.46 1.54 6.82
CA MET A 243 23.05 0.15 6.92
C MET A 243 21.68 -0.09 6.29
N LEU A 244 20.70 0.79 6.57
CA LEU A 244 19.34 0.53 6.13
C LEU A 244 19.22 0.58 4.61
N MET A 245 19.89 1.52 3.95
CA MET A 245 19.84 1.57 2.49
C MET A 245 20.38 0.28 1.89
N VAL A 246 21.41 -0.30 2.53
CA VAL A 246 21.92 -1.59 2.08
C VAL A 246 20.83 -2.64 2.15
N VAL A 247 20.03 -2.61 3.23
CA VAL A 247 18.99 -3.62 3.40
C VAL A 247 17.92 -3.48 2.31
N VAL A 248 17.63 -2.24 1.92
CA VAL A 248 16.62 -2.02 0.89
C VAL A 248 17.15 -2.41 -0.48
N LEU A 249 18.38 -1.99 -0.79
CA LEU A 249 19.00 -2.36 -2.05
C LEU A 249 19.14 -3.87 -2.18
N VAL A 250 19.50 -4.55 -1.09
CA VAL A 250 19.56 -6.00 -1.11
C VAL A 250 18.18 -6.58 -1.37
N PHE A 251 17.14 -5.93 -0.82
CA PHE A 251 15.78 -6.42 -0.94
C PHE A 251 15.28 -6.31 -2.38
N ALA A 252 15.47 -5.14 -2.99
CA ALA A 252 15.05 -4.93 -4.38
C ALA A 252 15.76 -5.90 -5.33
N LEU A 253 17.09 -6.05 -5.18
CA LEU A 253 17.84 -6.96 -6.04
C LEU A 253 17.34 -8.40 -5.86
N CYS A 254 17.16 -8.83 -4.60
CA CYS A 254 16.72 -10.20 -4.35
C CYS A 254 15.34 -10.43 -4.95
N TYR A 255 14.40 -9.52 -4.70
CA TYR A 255 13.04 -9.69 -5.21
C TYR A 255 12.83 -9.21 -6.64
N LEU A 256 13.80 -8.50 -7.24
CA LEU A 256 13.64 -8.14 -8.66
C LEU A 256 13.38 -9.34 -9.56
N PRO A 257 14.16 -10.42 -9.50
CA PRO A 257 13.94 -11.55 -10.41
C PRO A 257 12.53 -12.14 -10.34
N ILE A 258 12.15 -12.67 -9.18
CA ILE A 258 10.87 -13.36 -9.09
C ILE A 258 9.71 -12.42 -9.33
N SER A 259 9.88 -11.14 -8.99
CA SER A 259 8.80 -10.18 -9.20
C SER A 259 8.58 -9.90 -10.68
N VAL A 260 9.67 -9.65 -11.42
CA VAL A 260 9.57 -9.47 -12.87
C VAL A 260 9.13 -10.76 -13.55
N LEU A 261 9.69 -11.89 -13.12
CA LEU A 261 9.34 -13.18 -13.74
C LEU A 261 7.84 -13.44 -13.62
N ASN A 262 7.24 -13.08 -12.47
CA ASN A 262 5.81 -13.33 -12.27
C ASN A 262 4.95 -12.47 -13.21
N VAL A 263 5.36 -11.22 -13.45
CA VAL A 263 4.59 -10.36 -14.35
C VAL A 263 4.71 -10.84 -15.79
N LEU A 264 5.90 -11.29 -16.19
CA LEU A 264 6.08 -11.85 -17.52
C LEU A 264 5.22 -13.10 -17.71
N LYS A 265 5.14 -13.93 -16.69
CA LYS A 265 4.32 -15.14 -16.77
C LYS A 265 2.83 -14.79 -16.79
N ARG A 266 2.38 -14.01 -15.81
CA ARG A 266 0.94 -13.84 -15.58
C ARG A 266 0.32 -12.74 -16.43
N VAL A 267 1.02 -11.62 -16.62
CA VAL A 267 0.48 -10.51 -17.41
C VAL A 267 0.82 -10.63 -18.90
N PHE A 268 2.00 -11.16 -19.22
CA PHE A 268 2.42 -11.27 -20.61
C PHE A 268 2.38 -12.70 -21.15
N GLY A 269 1.92 -13.67 -20.36
CA GLY A 269 1.79 -15.03 -20.86
C GLY A 269 3.09 -15.60 -21.37
N MET A 270 4.22 -15.18 -20.81
CA MET A 270 5.53 -15.64 -21.24
C MET A 270 5.87 -16.99 -20.61
N PHE A 271 7.00 -17.55 -21.01
CA PHE A 271 7.48 -18.80 -20.43
C PHE A 271 6.50 -19.94 -20.70
N ARG A 272 5.86 -19.91 -21.87
CA ARG A 272 4.93 -20.95 -22.28
C ARG A 272 5.43 -21.80 -23.45
N GLN A 273 6.56 -21.46 -24.06
CA GLN A 273 7.21 -22.30 -25.05
C GLN A 273 8.09 -23.29 -24.32
N ALA A 274 7.94 -24.56 -24.65
CA ALA A 274 8.57 -25.66 -23.92
C ALA A 274 10.02 -25.92 -24.31
N SER A 275 10.58 -25.22 -25.32
CA SER A 275 11.92 -25.53 -25.80
C SER A 275 12.96 -25.49 -24.70
N ASP A 276 13.03 -24.40 -23.94
CA ASP A 276 14.01 -24.28 -22.86
C ASP A 276 13.29 -24.37 -21.51
N ARG A 277 12.46 -25.41 -21.33
CA ARG A 277 11.75 -25.58 -20.07
C ARG A 277 12.73 -25.70 -18.90
N GLU A 278 13.87 -26.35 -19.14
CA GLU A 278 14.92 -26.39 -18.12
C GLU A 278 15.45 -24.98 -17.86
N ALA A 279 15.66 -24.20 -18.91
CA ALA A 279 16.11 -22.82 -18.73
C ALA A 279 15.06 -22.00 -17.98
N VAL A 280 13.78 -22.33 -18.18
CA VAL A 280 12.70 -21.62 -17.49
C VAL A 280 12.57 -22.14 -16.07
N TYR A 281 12.59 -23.47 -15.90
CA TYR A 281 12.65 -24.03 -14.55
C TYR A 281 13.84 -23.47 -13.79
N ALA A 282 15.01 -23.47 -14.42
CA ALA A 282 16.22 -22.91 -13.84
C ALA A 282 16.04 -21.43 -13.48
N ALA A 283 15.51 -20.65 -14.43
CA ALA A 283 15.29 -19.22 -14.20
C ALA A 283 14.44 -19.01 -12.96
N PHE A 284 13.28 -19.65 -12.90
CA PHE A 284 12.40 -19.48 -11.74
C PHE A 284 13.04 -20.03 -10.47
N THR A 285 13.78 -21.14 -10.58
CA THR A 285 14.33 -21.77 -9.37
C THR A 285 15.32 -20.86 -8.66
N PHE A 286 16.21 -20.21 -9.41
CA PHE A 286 17.12 -19.25 -8.79
C PHE A 286 16.33 -18.06 -8.23
N SER A 287 15.27 -17.65 -8.93
CA SER A 287 14.46 -16.54 -8.45
C SER A 287 13.84 -16.88 -7.10
N HIS A 288 13.37 -18.13 -6.93
CA HIS A 288 12.80 -18.53 -5.64
C HIS A 288 13.86 -18.57 -4.55
N TRP A 289 15.05 -19.09 -4.89
CA TRP A 289 16.11 -19.14 -3.89
C TRP A 289 16.58 -17.75 -3.51
N LEU A 290 16.54 -16.80 -4.45
CA LEU A 290 16.96 -15.43 -4.13
C LEU A 290 16.07 -14.83 -3.05
N VAL A 291 14.79 -15.18 -3.04
CA VAL A 291 13.88 -14.66 -2.02
C VAL A 291 14.37 -15.07 -0.63
N TYR A 292 14.59 -16.37 -0.43
CA TYR A 292 15.07 -16.82 0.86
C TYR A 292 16.49 -16.35 1.13
N ALA A 293 17.28 -16.09 0.08
CA ALA A 293 18.61 -15.54 0.29
C ALA A 293 18.55 -14.17 0.97
N ASN A 294 17.49 -13.41 0.70
CA ASN A 294 17.29 -12.14 1.38
C ASN A 294 17.08 -12.34 2.88
N SER A 295 16.46 -13.47 3.26
CA SER A 295 16.27 -13.73 4.68
C SER A 295 17.60 -14.03 5.35
N ALA A 296 18.43 -14.86 4.71
CA ALA A 296 19.78 -15.09 5.24
C ALA A 296 20.69 -13.89 5.03
N ALA A 297 20.38 -13.02 4.07
CA ALA A 297 21.24 -11.88 3.80
C ALA A 297 21.12 -10.81 4.88
N ASN A 298 19.90 -10.53 5.33
CA ASN A 298 19.69 -9.41 6.24
C ASN A 298 20.48 -9.52 7.53
N PRO A 299 20.43 -10.64 8.26
CA PRO A 299 21.21 -10.70 9.51
C PRO A 299 22.69 -10.48 9.29
N ILE A 300 23.23 -10.95 8.16
CA ILE A 300 24.62 -10.67 7.83
C ILE A 300 24.80 -9.18 7.60
N ILE A 301 23.79 -8.51 7.05
CA ILE A 301 23.89 -7.08 6.83
C ILE A 301 24.03 -6.33 8.14
N TYR A 302 23.31 -6.77 9.16
CA TYR A 302 23.35 -6.11 10.46
C TYR A 302 24.73 -6.25 11.10
N ASN A 303 25.35 -7.42 10.95
CA ASN A 303 26.63 -7.67 11.61
C ASN A 303 27.74 -6.79 11.07
N PHE A 304 27.68 -6.43 9.80
CA PHE A 304 28.74 -5.62 9.19
C PHE A 304 28.51 -4.13 9.35
N LEU A 305 27.27 -3.67 9.20
CA LEU A 305 26.94 -2.25 9.19
C LEU A 305 26.29 -1.79 10.49
N SER A 306 26.35 -2.63 11.53
CA SER A 306 25.84 -2.28 12.85
C SER A 306 26.83 -2.82 13.86
N GLY A 307 27.57 -1.92 14.51
CA GLY A 307 28.57 -2.36 15.48
C GLY A 307 27.99 -2.90 16.77
N LYS A 308 26.75 -2.53 17.10
CA LYS A 308 26.08 -3.08 18.27
C LYS A 308 25.53 -4.48 18.03
N PHE A 309 24.96 -4.74 16.85
CA PHE A 309 24.60 -6.11 16.49
C PHE A 309 25.83 -7.00 16.40
N ARG A 310 26.91 -6.48 15.81
CA ARG A 310 28.11 -7.29 15.62
C ARG A 310 28.65 -7.79 16.96
N GLU A 311 28.64 -6.94 17.98
CA GLU A 311 29.05 -7.38 19.32
C GLU A 311 28.04 -8.34 19.91
N GLN A 312 26.77 -8.22 19.53
CA GLN A 312 25.76 -9.15 20.02
C GLN A 312 25.93 -10.52 19.39
N PHE A 313 26.40 -10.56 18.15
CA PHE A 313 26.63 -11.83 17.49
C PHE A 313 27.87 -12.51 18.04
N LYS A 314 28.96 -11.76 18.23
CA LYS A 314 30.16 -12.36 18.82
C LYS A 314 29.88 -12.84 20.23
N ALA A 315 29.08 -12.08 21.00
CA ALA A 315 28.76 -12.50 22.35
C ALA A 315 27.86 -13.74 22.33
N ALA A 316 26.95 -13.82 21.35
CA ALA A 316 26.10 -14.99 21.25
C ALA A 316 26.86 -16.19 20.72
N PHE A 317 27.81 -15.97 19.80
CA PHE A 317 28.55 -17.10 19.26
C PHE A 317 29.46 -17.75 20.30
N SER A 318 29.95 -16.97 21.28
CA SER A 318 30.80 -17.57 22.30
C SER A 318 29.98 -18.40 23.28
N TRP A 319 28.82 -17.91 23.71
CA TRP A 319 28.05 -18.68 24.68
C TRP A 319 27.44 -19.92 24.05
N TRP A 320 27.03 -19.84 22.79
CA TRP A 320 26.44 -21.00 22.12
C TRP A 320 27.27 -21.45 20.91
N TYR B 21 -23.29 28.13 -19.95
CA TYR B 21 -22.42 27.03 -19.59
C TYR B 21 -21.60 27.37 -18.34
N ALA B 22 -20.94 28.53 -18.37
CA ALA B 22 -20.10 28.91 -17.24
C ALA B 22 -20.91 29.16 -15.98
N TRP B 23 -22.15 29.64 -16.11
CA TRP B 23 -22.99 29.94 -14.95
C TRP B 23 -23.26 28.70 -14.12
N VAL B 24 -23.65 27.59 -14.75
CA VAL B 24 -23.95 26.38 -14.00
C VAL B 24 -22.70 25.89 -13.25
N LEU B 25 -21.52 26.06 -13.85
CA LEU B 25 -20.30 25.56 -13.22
C LEU B 25 -20.06 26.23 -11.87
N ILE B 26 -20.20 27.56 -11.83
CA ILE B 26 -20.01 28.29 -10.59
C ILE B 26 -21.12 27.92 -9.60
N ALA B 27 -22.31 27.61 -10.11
CA ALA B 27 -23.43 27.28 -9.23
C ALA B 27 -23.19 25.97 -8.49
N ALA B 28 -22.87 24.90 -9.23
CA ALA B 28 -22.64 23.60 -8.59
C ALA B 28 -21.44 23.66 -7.64
N TYR B 29 -20.44 24.48 -7.96
CA TYR B 29 -19.27 24.56 -7.09
C TYR B 29 -19.62 25.27 -5.79
N VAL B 30 -20.37 26.37 -5.86
CA VAL B 30 -20.83 27.05 -4.65
C VAL B 30 -21.78 26.14 -3.86
N ALA B 31 -22.64 25.40 -4.57
CA ALA B 31 -23.55 24.46 -3.91
C ALA B 31 -22.77 23.39 -3.14
N VAL B 32 -21.79 22.75 -3.81
CA VAL B 32 -21.01 21.71 -3.14
C VAL B 32 -20.19 22.31 -2.00
N PHE B 33 -19.57 23.47 -2.25
CA PHE B 33 -18.76 24.12 -1.23
C PHE B 33 -19.56 24.29 0.06
N VAL B 34 -20.79 24.79 -0.06
CA VAL B 34 -21.62 24.99 1.12
C VAL B 34 -22.04 23.65 1.71
N VAL B 35 -22.66 22.79 0.91
CA VAL B 35 -23.17 21.52 1.41
C VAL B 35 -22.01 20.66 1.93
N ALA B 36 -20.92 20.58 1.16
CA ALA B 36 -19.77 19.80 1.63
C ALA B 36 -19.25 20.33 2.96
N LEU B 37 -19.22 21.65 3.13
CA LEU B 37 -18.78 22.22 4.41
C LEU B 37 -19.82 21.98 5.50
N VAL B 38 -21.09 22.34 5.24
CA VAL B 38 -22.13 22.16 6.24
C VAL B 38 -22.32 20.68 6.57
N GLY B 39 -22.24 19.82 5.57
CA GLY B 39 -22.44 18.40 5.78
C GLY B 39 -21.39 17.83 6.70
N ASN B 40 -20.13 17.89 6.27
CA ASN B 40 -19.04 17.28 7.03
C ASN B 40 -18.86 17.92 8.40
N THR B 41 -19.12 19.22 8.54
CA THR B 41 -19.05 19.83 9.86
C THR B 41 -20.03 19.16 10.82
N LEU B 42 -21.25 18.90 10.34
CA LEU B 42 -22.24 18.22 11.17
C LEU B 42 -21.82 16.78 11.48
N VAL B 43 -21.11 16.12 10.57
CA VAL B 43 -20.68 14.75 10.83
C VAL B 43 -19.70 14.70 11.99
N CYS B 44 -18.84 15.73 12.12
CA CYS B 44 -17.96 15.80 13.27
C CYS B 44 -18.75 16.15 14.52
N LEU B 45 -19.73 17.06 14.39
CA LEU B 45 -20.53 17.47 15.54
C LEU B 45 -21.45 16.33 16.00
N ALA B 46 -21.91 15.50 15.06
CA ALA B 46 -22.68 14.31 15.43
C ALA B 46 -21.84 13.33 16.23
N VAL B 47 -20.53 13.32 16.00
CA VAL B 47 -19.65 12.43 16.75
C VAL B 47 -19.19 13.07 18.06
N TRP B 48 -18.84 14.36 18.04
CA TRP B 48 -18.48 15.02 19.29
C TRP B 48 -19.66 15.08 20.25
N ARG B 49 -20.88 15.18 19.73
CA ARG B 49 -22.05 15.22 20.61
C ARG B 49 -22.36 13.83 21.13
N ASN B 50 -22.63 12.89 20.23
CA ASN B 50 -23.10 11.56 20.60
C ASN B 50 -21.91 10.69 20.95
N HIS B 51 -21.64 10.51 22.25
CA HIS B 51 -20.58 9.61 22.66
C HIS B 51 -20.92 8.17 22.30
N HIS B 52 -22.20 7.85 22.17
CA HIS B 52 -22.56 6.52 21.68
C HIS B 52 -22.06 6.33 20.26
N MET B 53 -21.89 7.43 19.53
CA MET B 53 -21.50 7.42 18.13
C MET B 53 -19.99 7.51 17.94
N ARG B 54 -19.20 7.18 18.97
CA ARG B 54 -17.74 7.16 18.83
C ARG B 54 -17.27 5.71 18.68
N THR B 55 -17.84 5.06 17.66
CA THR B 55 -17.42 3.73 17.25
C THR B 55 -16.15 3.85 16.41
N VAL B 56 -15.52 2.69 16.14
CA VAL B 56 -14.36 2.72 15.26
C VAL B 56 -14.74 3.27 13.91
N THR B 57 -15.89 2.84 13.38
CA THR B 57 -16.30 3.28 12.05
C THR B 57 -16.62 4.77 12.02
N ASN B 58 -17.26 5.27 13.08
CA ASN B 58 -17.61 6.68 13.13
C ASN B 58 -16.38 7.56 13.38
N TYR B 59 -15.40 7.06 14.15
CA TYR B 59 -14.12 7.78 14.25
C TYR B 59 -13.45 7.89 12.89
N PHE B 60 -13.57 6.88 12.05
CA PHE B 60 -13.07 6.98 10.69
C PHE B 60 -13.94 7.89 9.84
N LEU B 61 -15.26 7.80 9.99
CA LEU B 61 -16.12 8.66 9.19
C LEU B 61 -15.85 10.13 9.50
N VAL B 62 -15.40 10.43 10.71
CA VAL B 62 -14.97 11.80 11.04
C VAL B 62 -13.71 12.15 10.28
N ASN B 63 -12.76 11.23 10.23
CA ASN B 63 -11.53 11.49 9.50
C ASN B 63 -11.80 11.69 8.01
N LEU B 64 -12.77 10.96 7.45
CA LEU B 64 -13.12 11.18 6.05
C LEU B 64 -13.68 12.59 5.84
N SER B 65 -14.46 13.10 6.80
CA SER B 65 -14.99 14.45 6.65
C SER B 65 -13.88 15.50 6.71
N LEU B 66 -12.82 15.26 7.49
CA LEU B 66 -11.75 16.24 7.58
C LEU B 66 -11.03 16.38 6.24
N ALA B 67 -10.80 15.26 5.55
CA ALA B 67 -10.19 15.35 4.22
C ALA B 67 -11.11 16.07 3.24
N ASP B 68 -12.42 15.81 3.31
CA ASP B 68 -13.35 16.48 2.43
C ASP B 68 -13.36 17.98 2.68
N VAL B 69 -13.16 18.40 3.94
CA VAL B 69 -13.13 19.82 4.24
C VAL B 69 -11.82 20.43 3.75
N LEU B 70 -10.70 19.75 4.01
CA LEU B 70 -9.42 20.18 3.45
C LEU B 70 -9.52 20.38 1.94
N ALA B 71 -10.12 19.41 1.23
CA ALA B 71 -10.32 19.55 -0.20
C ALA B 71 -11.30 20.67 -0.50
N THR B 72 -12.44 20.68 0.18
CA THR B 72 -13.48 21.66 -0.12
C THR B 72 -13.03 23.07 0.22
N ALA B 73 -12.55 23.28 1.46
CA ALA B 73 -12.26 24.64 1.91
C ALA B 73 -11.10 25.26 1.12
N ILE B 74 -10.00 24.54 0.99
CA ILE B 74 -8.79 25.06 0.35
C ILE B 74 -8.83 24.86 -1.15
N CYS B 75 -8.90 23.60 -1.58
CA CYS B 75 -8.72 23.27 -2.99
C CYS B 75 -9.92 23.70 -3.84
N LEU B 76 -11.14 23.43 -3.37
CA LEU B 76 -12.31 23.66 -4.22
C LEU B 76 -12.36 25.07 -4.80
N PRO B 77 -12.14 26.13 -4.03
CA PRO B 77 -12.04 27.47 -4.63
C PRO B 77 -10.94 27.56 -5.68
N ALA B 78 -9.81 26.87 -5.45
CA ALA B 78 -8.73 26.92 -6.43
C ALA B 78 -9.13 26.23 -7.72
N SER B 79 -9.81 25.10 -7.64
CA SER B 79 -10.22 24.44 -8.87
C SER B 79 -11.28 25.23 -9.63
N LEU B 80 -12.14 25.95 -8.92
CA LEU B 80 -13.17 26.72 -9.59
C LEU B 80 -12.55 27.79 -10.49
N LEU B 81 -11.60 28.57 -9.93
CA LEU B 81 -10.97 29.63 -10.71
C LEU B 81 -10.16 29.05 -11.86
N VAL B 82 -9.51 27.91 -11.65
CA VAL B 82 -8.64 27.35 -12.67
C VAL B 82 -9.46 26.80 -13.83
N ASP B 83 -10.52 26.06 -13.53
CA ASP B 83 -11.35 25.51 -14.60
C ASP B 83 -12.12 26.61 -15.33
N ILE B 84 -12.43 27.71 -14.65
CA ILE B 84 -13.16 28.80 -15.27
C ILE B 84 -12.24 29.66 -16.14
N THR B 85 -11.13 30.12 -15.56
CA THR B 85 -10.23 31.01 -16.29
C THR B 85 -9.26 30.25 -17.19
N GLU B 86 -8.91 29.03 -16.81
CA GLU B 86 -7.80 28.29 -17.44
C GLU B 86 -6.47 29.02 -17.23
N SER B 87 -6.33 29.72 -16.10
CA SER B 87 -5.07 30.28 -15.68
C SER B 87 -4.86 30.01 -14.19
N TRP B 88 -3.59 29.91 -13.81
CA TRP B 88 -3.20 29.84 -12.42
C TRP B 88 -2.81 31.25 -11.96
N LEU B 89 -3.49 31.75 -10.94
CA LEU B 89 -3.28 33.11 -10.47
C LEU B 89 -2.72 33.15 -9.05
N PHE B 90 -2.38 32.03 -8.44
CA PHE B 90 -1.90 31.99 -7.07
C PHE B 90 -0.39 31.77 -6.92
N GLY B 91 0.38 31.83 -8.01
CA GLY B 91 1.82 31.87 -7.91
C GLY B 91 2.50 30.50 -7.85
N HIS B 92 3.84 30.54 -7.88
CA HIS B 92 4.61 29.29 -7.94
C HIS B 92 4.37 28.40 -6.73
N ALA B 93 4.16 28.99 -5.56
CA ALA B 93 4.22 28.19 -4.33
C ALA B 93 2.91 27.47 -4.07
N LEU B 94 1.78 28.16 -4.19
CA LEU B 94 0.50 27.48 -4.13
C LEU B 94 0.31 26.54 -5.31
N CYS B 95 1.06 26.76 -6.39
CA CYS B 95 1.10 25.81 -7.49
C CYS B 95 1.57 24.44 -7.03
N LYS B 96 2.44 24.41 -6.01
CA LYS B 96 2.88 23.15 -5.43
C LYS B 96 2.04 22.74 -4.22
N VAL B 97 1.58 23.70 -3.43
CA VAL B 97 0.83 23.39 -2.21
C VAL B 97 -0.58 22.90 -2.55
N ILE B 98 -1.39 23.75 -3.20
CA ILE B 98 -2.79 23.39 -3.43
C ILE B 98 -2.91 22.06 -4.16
N PRO B 99 -2.24 21.82 -5.27
CA PRO B 99 -2.34 20.49 -5.91
C PRO B 99 -1.92 19.37 -4.97
N TYR B 100 -0.93 19.65 -4.11
CA TYR B 100 -0.44 18.65 -3.16
C TYR B 100 -1.49 18.31 -2.12
N LEU B 101 -2.12 19.35 -1.53
CA LEU B 101 -3.20 19.12 -0.57
C LEU B 101 -4.33 18.31 -1.17
N GLN B 102 -4.73 18.62 -2.40
CA GLN B 102 -5.78 17.83 -3.06
C GLN B 102 -5.37 16.37 -3.17
N ALA B 103 -4.11 16.11 -3.55
CA ALA B 103 -3.62 14.73 -3.62
C ALA B 103 -3.61 14.08 -2.25
N VAL B 104 -3.22 14.83 -1.23
CA VAL B 104 -3.18 14.27 0.12
C VAL B 104 -4.59 13.96 0.62
N SER B 105 -5.56 14.84 0.32
CA SER B 105 -6.92 14.58 0.76
C SER B 105 -7.53 13.38 0.04
N VAL B 106 -7.15 13.14 -1.22
CA VAL B 106 -7.56 11.91 -1.90
C VAL B 106 -6.93 10.70 -1.22
N SER B 107 -5.63 10.77 -0.94
CA SER B 107 -4.95 9.68 -0.26
C SER B 107 -5.56 9.44 1.11
N VAL B 108 -5.72 10.50 1.90
CA VAL B 108 -6.30 10.34 3.23
C VAL B 108 -7.70 9.74 3.12
N ALA B 109 -8.44 10.09 2.07
CA ALA B 109 -9.76 9.53 1.85
C ALA B 109 -9.72 8.03 1.59
N VAL B 110 -9.09 7.60 0.49
CA VAL B 110 -9.14 6.19 0.07
C VAL B 110 -8.48 5.28 1.10
N LEU B 111 -7.49 5.78 1.84
CA LEU B 111 -6.91 4.96 2.89
C LEU B 111 -7.89 4.82 4.06
N THR B 112 -8.54 5.91 4.46
CA THR B 112 -9.49 5.81 5.55
C THR B 112 -10.64 4.87 5.22
N LEU B 113 -11.17 4.93 3.99
CA LEU B 113 -12.23 4.00 3.60
C LEU B 113 -11.75 2.56 3.64
N SER B 114 -10.48 2.33 3.30
CA SER B 114 -9.94 0.97 3.39
C SER B 114 -9.87 0.50 4.83
N PHE B 115 -9.49 1.39 5.76
CA PHE B 115 -9.42 1.00 7.16
C PHE B 115 -10.79 0.68 7.74
N ILE B 116 -11.82 1.42 7.31
CA ILE B 116 -13.17 1.10 7.76
C ILE B 116 -13.59 -0.27 7.25
N ALA B 117 -13.18 -0.62 6.03
CA ALA B 117 -13.49 -1.95 5.51
C ALA B 117 -12.77 -3.04 6.31
N LEU B 118 -11.52 -2.79 6.70
CA LEU B 118 -10.73 -3.82 7.39
C LEU B 118 -11.25 -4.08 8.79
N ASP B 119 -11.52 -3.00 9.54
CA ASP B 119 -12.12 -3.15 10.87
C ASP B 119 -13.43 -3.93 10.77
N ARG B 120 -14.23 -3.66 9.72
CA ARG B 120 -15.45 -4.41 9.52
C ARG B 120 -15.17 -5.83 9.05
N TRP B 121 -14.16 -5.99 8.19
CA TRP B 121 -13.83 -7.32 7.69
C TRP B 121 -13.34 -8.26 8.79
N TYR B 122 -12.49 -7.74 9.70
CA TYR B 122 -12.05 -8.56 10.82
C TYR B 122 -13.13 -8.68 11.88
N ALA B 123 -13.89 -7.61 12.12
CA ALA B 123 -14.90 -7.66 13.18
C ALA B 123 -16.03 -8.62 12.86
N ILE B 124 -16.35 -8.78 11.58
CA ILE B 124 -17.51 -9.58 11.16
C ILE B 124 -17.10 -10.94 10.61
N CYS B 125 -16.08 -10.97 9.73
CA CYS B 125 -15.70 -12.22 9.07
C CYS B 125 -14.72 -13.06 9.89
N HIS B 126 -13.87 -12.42 10.68
CA HIS B 126 -12.90 -13.10 11.54
C HIS B 126 -13.00 -12.45 12.91
N PRO B 127 -14.09 -12.73 13.62
CA PRO B 127 -14.49 -11.89 14.76
C PRO B 127 -13.44 -11.77 15.85
N LEU B 128 -12.66 -12.82 16.12
CA LEU B 128 -11.68 -12.79 17.20
C LEU B 128 -10.32 -13.05 16.57
N LEU B 129 -9.77 -12.00 15.97
CA LEU B 129 -8.37 -11.99 15.55
C LEU B 129 -7.71 -10.71 16.02
N PHE B 130 -8.21 -9.57 15.53
CA PHE B 130 -7.72 -8.24 15.89
C PHE B 130 -8.78 -7.46 16.63
N LYS B 131 -8.38 -6.85 17.74
CA LYS B 131 -9.23 -5.94 18.53
C LYS B 131 -9.08 -4.51 18.04
N SER B 132 -10.21 -3.83 17.80
CA SER B 132 -10.22 -2.45 17.36
C SER B 132 -10.85 -1.55 18.43
N THR B 133 -10.03 -0.73 19.08
CA THR B 133 -10.51 0.27 20.03
C THR B 133 -10.49 1.67 19.44
N ALA B 134 -11.21 2.56 20.12
CA ALA B 134 -11.13 3.98 19.79
C ALA B 134 -9.73 4.53 20.04
N ARG B 135 -9.02 3.97 21.02
CA ARG B 135 -7.67 4.44 21.30
C ARG B 135 -6.74 4.13 20.13
N ARG B 136 -6.89 2.95 19.51
CA ARG B 136 -6.12 2.63 18.31
C ARG B 136 -6.69 3.26 17.05
N ALA B 137 -8.00 3.51 17.00
CA ALA B 137 -8.57 4.16 15.82
C ALA B 137 -7.99 5.55 15.65
N LEU B 138 -7.75 6.24 16.76
CA LEU B 138 -7.06 7.51 16.69
C LEU B 138 -5.60 7.32 16.35
N GLY B 139 -4.99 6.23 16.86
CA GLY B 139 -3.63 5.92 16.46
C GLY B 139 -3.49 5.66 14.98
N SER B 140 -4.38 4.84 14.42
CA SER B 140 -4.34 4.57 12.99
C SER B 140 -4.48 5.85 12.18
N ILE B 141 -5.37 6.75 12.64
CA ILE B 141 -5.62 7.96 11.88
C ILE B 141 -4.37 8.82 11.81
N LEU B 142 -3.52 8.74 12.84
CA LEU B 142 -2.28 9.50 12.83
C LEU B 142 -1.28 8.92 11.83
N GLY B 143 -1.27 7.60 11.67
CA GLY B 143 -0.39 7.00 10.68
C GLY B 143 -0.81 7.35 9.27
N ILE B 144 -2.13 7.43 9.03
CA ILE B 144 -2.64 7.70 7.69
C ILE B 144 -2.06 9.00 7.16
N TRP B 145 -2.10 10.06 7.98
CA TRP B 145 -1.62 11.36 7.54
C TRP B 145 -0.11 11.37 7.31
N ALA B 146 0.65 10.69 8.17
CA ALA B 146 2.08 10.61 7.96
C ALA B 146 2.38 9.91 6.63
N VAL B 147 1.57 8.92 6.27
CA VAL B 147 1.76 8.25 5.00
C VAL B 147 1.24 9.08 3.84
N SER B 148 0.04 9.65 3.99
CA SER B 148 -0.50 10.48 2.92
C SER B 148 0.38 11.69 2.65
N LEU B 149 0.86 12.35 3.72
CA LEU B 149 1.67 13.55 3.57
C LEU B 149 3.01 13.26 2.93
N ALA B 150 3.55 12.07 3.16
CA ALA B 150 4.82 11.67 2.56
C ALA B 150 4.67 11.37 1.08
N ILE B 151 3.89 10.34 0.77
CA ILE B 151 3.87 9.81 -0.60
C ILE B 151 3.35 10.80 -1.63
N MET B 152 2.59 11.80 -1.21
CA MET B 152 2.19 12.86 -2.12
C MET B 152 3.26 13.91 -2.33
N VAL B 153 4.38 13.81 -1.60
CA VAL B 153 5.48 14.75 -1.79
C VAL B 153 6.00 14.74 -3.23
N PRO B 154 6.23 13.59 -3.87
CA PRO B 154 6.71 13.63 -5.25
C PRO B 154 5.76 14.40 -6.16
N GLN B 155 4.45 14.32 -5.89
CA GLN B 155 3.50 15.15 -6.63
C GLN B 155 3.84 16.64 -6.51
N ALA B 156 4.03 17.13 -5.29
CA ALA B 156 4.33 18.54 -5.08
C ALA B 156 5.64 18.93 -5.75
N ALA B 157 6.61 18.01 -5.78
CA ALA B 157 7.90 18.32 -6.37
C ALA B 157 7.79 18.54 -7.86
N VAL B 158 6.98 17.75 -8.56
CA VAL B 158 6.92 17.88 -10.00
C VAL B 158 6.17 19.14 -10.42
N MET B 159 5.34 19.71 -9.55
CA MET B 159 4.62 20.91 -9.92
C MET B 159 5.60 22.04 -10.23
N GLU B 160 5.41 22.70 -11.38
CA GLU B 160 6.16 23.89 -11.73
C GLU B 160 5.20 24.88 -12.39
N CYS B 161 5.29 26.16 -12.01
CA CYS B 161 4.45 27.20 -12.60
C CYS B 161 5.20 27.94 -13.72
N SER B 162 4.57 28.06 -14.87
CA SER B 162 5.20 28.73 -15.99
C SER B 162 4.12 29.40 -16.81
N SER B 163 4.44 30.56 -17.38
CA SER B 163 3.55 31.28 -18.29
C SER B 163 3.80 30.82 -19.73
N VAL B 164 2.82 31.08 -20.60
CA VAL B 164 2.93 30.64 -22.00
C VAL B 164 4.29 31.06 -22.56
N LEU B 165 4.65 32.31 -22.35
CA LEU B 165 5.99 32.80 -22.68
C LEU B 165 6.62 33.26 -21.36
N PRO B 166 7.64 32.55 -20.86
CA PRO B 166 7.95 32.63 -19.42
C PRO B 166 8.19 34.01 -18.87
N GLU B 167 8.82 34.88 -19.63
CA GLU B 167 9.08 36.22 -19.11
C GLU B 167 7.85 37.11 -19.11
N LEU B 168 6.74 36.67 -19.73
CA LEU B 168 5.49 37.42 -19.65
C LEU B 168 4.96 37.45 -18.23
N ALA B 169 5.35 36.46 -17.43
CA ALA B 169 4.89 36.36 -16.05
C ALA B 169 5.35 37.55 -15.22
N ALA B 170 6.42 38.21 -15.65
CA ALA B 170 6.87 39.43 -14.98
C ALA B 170 5.80 40.50 -15.03
N ARG B 171 4.93 40.48 -16.04
CA ARG B 171 3.86 41.45 -16.19
C ARG B 171 2.52 40.97 -15.64
N THR B 172 2.26 39.66 -15.68
CA THR B 172 0.96 39.17 -15.28
C THR B 172 1.00 37.66 -15.10
N ARG B 173 0.20 37.17 -14.15
CA ARG B 173 -0.11 35.76 -14.05
C ARG B 173 -1.29 35.38 -14.94
N ALA B 174 -1.80 36.32 -15.75
CA ALA B 174 -3.01 36.06 -16.53
C ALA B 174 -2.79 34.94 -17.55
N PHE B 175 -1.54 34.60 -17.82
CA PHE B 175 -1.21 33.61 -18.84
C PHE B 175 -0.28 32.54 -18.26
N SER B 176 -0.38 32.33 -16.95
CA SER B 176 0.40 31.32 -16.26
C SER B 176 -0.39 30.03 -16.21
N VAL B 177 0.32 28.92 -16.10
CA VAL B 177 -0.29 27.61 -15.89
C VAL B 177 0.51 26.85 -14.85
N CYS B 178 -0.17 26.07 -14.03
CA CYS B 178 0.45 25.25 -13.01
C CYS B 178 0.35 23.79 -13.44
N ASP B 179 1.49 23.13 -13.61
CA ASP B 179 1.44 21.75 -14.07
C ASP B 179 2.72 21.02 -13.68
N GLU B 180 2.65 19.69 -13.78
CA GLU B 180 3.81 18.84 -13.55
C GLU B 180 4.87 19.10 -14.61
N ARG B 181 6.12 19.22 -14.17
CA ARG B 181 7.24 19.46 -15.07
C ARG B 181 7.99 18.14 -15.19
N TRP B 182 7.74 17.41 -16.29
CA TRP B 182 8.34 16.10 -16.48
C TRP B 182 9.55 16.21 -17.42
N ALA B 183 10.68 15.67 -16.97
CA ALA B 183 11.92 15.78 -17.74
C ALA B 183 11.93 14.93 -19.02
N ASP B 184 11.11 13.88 -19.11
CA ASP B 184 11.20 12.95 -20.24
C ASP B 184 9.85 12.31 -20.51
N ASP B 185 9.72 11.70 -21.69
CA ASP B 185 8.45 11.13 -22.11
C ASP B 185 8.00 10.03 -21.16
N LEU B 186 8.95 9.27 -20.59
CA LEU B 186 8.59 8.06 -19.85
C LEU B 186 8.23 8.29 -18.39
N ALA B 187 8.90 9.22 -17.71
CA ALA B 187 8.69 9.37 -16.26
C ALA B 187 7.23 9.57 -15.87
N PRO B 188 6.48 10.48 -16.48
CA PRO B 188 5.07 10.62 -16.10
C PRO B 188 4.27 9.34 -16.28
N LYS B 189 4.63 8.50 -17.25
CA LYS B 189 3.89 7.28 -17.50
C LYS B 189 3.89 6.34 -16.29
N ILE B 190 5.06 6.16 -15.67
CA ILE B 190 5.17 5.21 -14.56
C ILE B 190 4.49 5.77 -13.30
N TYR B 191 4.74 7.06 -13.00
CA TYR B 191 4.14 7.67 -11.82
C TYR B 191 2.62 7.56 -11.83
N HIS B 192 1.98 8.06 -12.89
CA HIS B 192 0.52 8.06 -12.94
C HIS B 192 -0.06 6.66 -13.07
N SER B 193 0.69 5.69 -13.59
CA SER B 193 0.20 4.31 -13.53
C SER B 193 0.21 3.77 -12.11
N CYS B 194 1.27 4.05 -11.33
CA CYS B 194 1.39 3.50 -9.98
C CYS B 194 0.32 4.05 -9.04
N PHE B 195 0.07 5.36 -9.09
CA PHE B 195 -0.85 5.97 -8.14
C PHE B 195 -2.31 5.77 -8.53
N PHE B 196 -2.58 5.42 -9.79
CA PHE B 196 -3.92 4.98 -10.14
C PHE B 196 -4.23 3.64 -9.50
N ILE B 197 -3.27 2.71 -9.54
CA ILE B 197 -3.40 1.43 -8.86
C ILE B 197 -3.44 1.64 -7.34
N VAL B 198 -2.49 2.43 -6.84
CA VAL B 198 -2.30 2.55 -5.40
C VAL B 198 -3.45 3.29 -4.72
N THR B 199 -4.04 4.28 -5.39
CA THR B 199 -5.03 5.12 -4.73
C THR B 199 -6.43 5.01 -5.33
N TYR B 200 -6.66 4.12 -6.30
CA TYR B 200 -8.02 3.92 -6.78
C TYR B 200 -8.34 2.44 -6.97
N LEU B 201 -7.64 1.78 -7.90
CA LEU B 201 -8.07 0.46 -8.30
C LEU B 201 -7.75 -0.57 -7.22
N ALA B 202 -6.50 -0.58 -6.72
CA ALA B 202 -6.16 -1.53 -5.67
C ALA B 202 -6.94 -1.29 -4.39
N PRO B 203 -6.97 -0.08 -3.84
CA PRO B 203 -7.81 0.13 -2.64
C PRO B 203 -9.26 -0.21 -2.85
N LEU B 204 -9.84 0.17 -3.99
CA LEU B 204 -11.26 -0.11 -4.24
C LEU B 204 -11.48 -1.59 -4.48
N GLY B 205 -10.56 -2.24 -5.20
CA GLY B 205 -10.71 -3.66 -5.47
C GLY B 205 -10.64 -4.50 -4.20
N LEU B 206 -9.72 -4.16 -3.29
CA LEU B 206 -9.65 -4.88 -2.03
C LEU B 206 -10.88 -4.59 -1.17
N MET B 207 -11.27 -3.31 -1.09
CA MET B 207 -12.47 -2.98 -0.32
C MET B 207 -13.70 -3.69 -0.87
N ALA B 208 -13.78 -3.84 -2.20
CA ALA B 208 -14.93 -4.49 -2.81
C ALA B 208 -15.03 -5.96 -2.40
N MET B 209 -13.92 -6.68 -2.51
CA MET B 209 -13.91 -8.09 -2.10
C MET B 209 -14.23 -8.24 -0.62
N ALA B 210 -13.86 -7.25 0.20
CA ALA B 210 -14.18 -7.32 1.63
C ALA B 210 -15.69 -7.26 1.87
N TYR B 211 -16.37 -6.28 1.24
CA TYR B 211 -17.80 -6.09 1.52
C TYR B 211 -18.66 -7.21 0.92
N PHE B 212 -18.21 -7.85 -0.15
CA PHE B 212 -18.92 -9.01 -0.63
C PHE B 212 -18.86 -10.14 0.38
N GLN B 213 -17.69 -10.34 0.99
CA GLN B 213 -17.56 -11.35 2.05
C GLN B 213 -18.37 -10.97 3.28
N ILE B 214 -18.44 -9.68 3.59
CA ILE B 214 -19.28 -9.26 4.71
C ILE B 214 -20.74 -9.45 4.38
N PHE B 215 -21.12 -9.19 3.13
CA PHE B 215 -22.50 -9.36 2.70
C PHE B 215 -22.94 -10.83 2.81
N ARG B 216 -22.09 -11.76 2.38
CA ARG B 216 -22.47 -13.17 2.46
C ARG B 216 -22.55 -13.65 3.91
N LYS B 217 -21.81 -13.02 4.81
CA LYS B 217 -21.88 -13.37 6.23
C LYS B 217 -23.17 -12.85 6.86
N LEU B 218 -23.38 -11.54 6.78
CA LEU B 218 -24.50 -10.89 7.47
C LEU B 218 -25.86 -11.31 6.92
N TRP B 219 -25.94 -11.76 5.68
CA TRP B 219 -27.23 -12.04 5.04
C TRP B 219 -27.45 -13.51 4.71
N GLY B 220 -26.63 -14.11 3.86
CA GLY B 220 -26.89 -15.46 3.37
C GLY B 220 -27.05 -16.52 4.43
N ARG B 221 -25.99 -16.80 5.20
CA ARG B 221 -26.04 -17.86 6.20
C ARG B 221 -27.02 -17.51 7.31
N GLN B 222 -27.73 -18.54 7.80
CA GLN B 222 -28.76 -18.41 8.84
C GLN B 222 -28.47 -19.44 9.93
N ILE B 223 -27.43 -19.19 10.71
CA ILE B 223 -26.87 -20.24 11.56
C ILE B 223 -27.94 -20.73 12.53
N PRO B 224 -28.19 -22.03 12.60
CA PRO B 224 -29.37 -22.50 13.33
C PRO B 224 -29.32 -22.17 14.81
N GLY B 225 -30.48 -21.89 15.39
CA GLY B 225 -30.58 -21.68 16.82
C GLY B 225 -29.77 -20.53 17.34
N THR B 226 -29.61 -19.47 16.55
CA THR B 226 -28.82 -18.33 17.00
C THR B 226 -29.53 -17.59 18.14
N THR B 227 -28.75 -17.08 19.08
CA THR B 227 -29.27 -16.58 20.34
C THR B 227 -29.98 -15.24 20.15
N SER B 228 -30.83 -14.91 21.12
CA SER B 228 -31.57 -13.65 21.08
C SER B 228 -30.62 -12.45 20.98
N ALA B 229 -29.48 -12.52 21.66
CA ALA B 229 -28.49 -11.44 21.54
C ALA B 229 -27.80 -11.43 20.19
N GLU B 230 -27.63 -12.60 19.56
CA GLU B 230 -26.90 -12.66 18.29
C GLU B 230 -27.62 -11.90 17.19
N VAL B 231 -28.92 -12.13 17.05
CA VAL B 231 -29.67 -11.49 15.97
C VAL B 231 -29.78 -9.98 16.17
N LYS B 232 -29.74 -9.52 17.41
CA LYS B 232 -29.71 -8.08 17.66
C LYS B 232 -28.43 -7.47 17.13
N GLN B 233 -27.34 -8.24 17.11
CA GLN B 233 -26.08 -7.81 16.51
C GLN B 233 -26.11 -7.84 14.99
N MET B 234 -26.69 -8.89 14.40
CA MET B 234 -26.66 -9.03 12.95
C MET B 234 -27.44 -7.91 12.25
N ARG B 235 -28.59 -7.51 12.80
CA ARG B 235 -29.38 -6.45 12.17
C ARG B 235 -28.69 -5.09 12.18
N ALA B 236 -27.91 -4.78 13.21
CA ALA B 236 -27.28 -3.47 13.29
C ALA B 236 -26.08 -3.35 12.35
N ARG B 237 -25.27 -4.41 12.25
CA ARG B 237 -24.11 -4.37 11.37
C ARG B 237 -24.52 -4.22 9.91
N ARG B 238 -25.69 -4.72 9.55
CA ARG B 238 -26.19 -4.53 8.19
C ARG B 238 -26.46 -3.06 7.90
N LYS B 239 -27.01 -2.33 8.88
CA LYS B 239 -27.29 -0.91 8.69
C LYS B 239 -26.02 -0.10 8.54
N THR B 240 -24.96 -0.49 9.23
CA THR B 240 -23.66 0.15 9.01
C THR B 240 -23.02 -0.35 7.71
N ALA B 241 -23.09 -1.66 7.46
CA ALA B 241 -22.56 -2.21 6.22
C ALA B 241 -23.27 -1.61 5.01
N LYS B 242 -24.60 -1.50 5.07
CA LYS B 242 -25.35 -0.88 3.98
C LYS B 242 -24.89 0.54 3.75
N MET B 243 -24.81 1.32 4.83
CA MET B 243 -24.42 2.72 4.71
C MET B 243 -23.02 2.83 4.13
N LEU B 244 -22.10 1.99 4.59
CA LEU B 244 -20.71 2.08 4.14
C LEU B 244 -20.60 1.67 2.67
N MET B 245 -21.28 0.58 2.28
CA MET B 245 -21.20 0.12 0.90
C MET B 245 -21.71 1.16 -0.09
N VAL B 246 -22.79 1.87 0.26
CA VAL B 246 -23.25 2.96 -0.59
C VAL B 246 -22.18 4.03 -0.70
N VAL B 247 -21.51 4.31 0.42
CA VAL B 247 -20.49 5.35 0.47
C VAL B 247 -19.30 4.96 -0.41
N VAL B 248 -18.98 3.66 -0.44
CA VAL B 248 -17.84 3.23 -1.25
C VAL B 248 -18.19 3.27 -2.73
N LEU B 249 -19.36 2.75 -3.10
CA LEU B 249 -19.79 2.81 -4.50
C LEU B 249 -19.92 4.25 -4.97
N VAL B 250 -20.42 5.13 -4.11
CA VAL B 250 -20.51 6.55 -4.45
C VAL B 250 -19.11 7.12 -4.65
N PHE B 251 -18.16 6.66 -3.85
CA PHE B 251 -16.78 7.13 -3.97
C PHE B 251 -16.14 6.67 -5.28
N ALA B 252 -16.29 5.38 -5.62
CA ALA B 252 -15.73 4.88 -6.87
C ALA B 252 -16.34 5.61 -8.08
N LEU B 253 -17.65 5.79 -8.09
CA LEU B 253 -18.30 6.48 -9.20
C LEU B 253 -17.77 7.90 -9.33
N CYS B 254 -17.68 8.64 -8.22
CA CYS B 254 -17.23 10.03 -8.29
C CYS B 254 -15.82 10.13 -8.84
N TYR B 255 -14.89 9.32 -8.31
CA TYR B 255 -13.50 9.35 -8.75
C TYR B 255 -13.22 8.52 -9.99
N LEU B 256 -14.17 7.71 -10.45
CA LEU B 256 -13.98 6.97 -11.70
C LEU B 256 -13.64 7.91 -12.86
N PRO B 257 -14.38 8.98 -13.11
CA PRO B 257 -14.08 9.83 -14.27
C PRO B 257 -12.66 10.39 -14.26
N ILE B 258 -12.34 11.22 -13.25
CA ILE B 258 -11.06 11.93 -13.27
C ILE B 258 -9.89 10.96 -13.16
N SER B 259 -10.06 9.84 -12.46
CA SER B 259 -8.96 8.88 -12.34
C SER B 259 -8.69 8.21 -13.69
N VAL B 260 -9.76 7.75 -14.36
CA VAL B 260 -9.62 7.21 -15.71
C VAL B 260 -9.20 8.32 -16.69
N LEU B 261 -9.79 9.51 -16.56
CA LEU B 261 -9.39 10.61 -17.43
C LEU B 261 -7.92 10.96 -17.25
N ASN B 262 -7.46 11.00 -16.00
CA ASN B 262 -6.06 11.32 -15.77
C ASN B 262 -5.14 10.22 -16.27
N VAL B 263 -5.56 8.95 -16.15
CA VAL B 263 -4.72 7.85 -16.62
C VAL B 263 -4.62 7.85 -18.13
N LEU B 264 -5.73 8.10 -18.82
CA LEU B 264 -5.69 8.16 -20.28
C LEU B 264 -4.82 9.31 -20.77
N LYS B 265 -4.87 10.46 -20.09
CA LYS B 265 -4.07 11.61 -20.51
C LYS B 265 -2.59 11.36 -20.27
N ARG B 266 -2.22 10.97 -19.04
CA ARG B 266 -0.81 10.93 -18.65
C ARG B 266 -0.11 9.66 -19.10
N VAL B 267 -0.79 8.52 -19.03
CA VAL B 267 -0.15 7.25 -19.39
C VAL B 267 -0.30 6.94 -20.88
N PHE B 268 -1.43 7.29 -21.47
CA PHE B 268 -1.70 6.95 -22.86
C PHE B 268 -1.62 8.13 -23.82
N GLY B 269 -1.25 9.32 -23.34
CA GLY B 269 -1.08 10.45 -24.24
C GLY B 269 -2.31 10.85 -25.00
N MET B 270 -3.50 10.65 -24.43
CA MET B 270 -4.75 10.99 -25.10
C MET B 270 -5.04 12.48 -25.00
N PHE B 271 -6.10 12.90 -25.70
CA PHE B 271 -6.61 14.27 -25.63
C PHE B 271 -5.59 15.30 -26.14
N ARG B 272 -4.87 14.96 -27.20
CA ARG B 272 -3.89 15.88 -27.77
C ARG B 272 -4.30 16.47 -29.12
N GLN B 273 -5.42 16.05 -29.71
CA GLN B 273 -5.93 16.69 -30.91
C GLN B 273 -6.82 17.86 -30.54
N ALA B 274 -6.61 19.01 -31.20
CA ALA B 274 -7.31 20.23 -30.83
C ALA B 274 -8.73 20.29 -31.38
N SER B 275 -9.12 19.34 -32.24
CA SER B 275 -10.48 19.34 -32.77
C SER B 275 -11.49 19.23 -31.65
N ASP B 276 -11.28 18.34 -30.68
CA ASP B 276 -12.25 18.14 -29.61
C ASP B 276 -11.82 18.79 -28.30
N ARG B 277 -11.25 19.99 -28.36
CA ARG B 277 -10.89 20.69 -27.14
C ARG B 277 -12.11 21.09 -26.31
N GLU B 278 -13.23 21.37 -26.98
CA GLU B 278 -14.46 21.71 -26.26
C GLU B 278 -14.94 20.55 -25.37
N ALA B 279 -14.99 19.33 -25.92
CA ALA B 279 -15.46 18.19 -25.16
C ALA B 279 -14.51 17.79 -24.03
N VAL B 280 -13.20 17.98 -24.20
CA VAL B 280 -12.23 17.46 -23.24
C VAL B 280 -12.14 18.34 -21.99
N TYR B 281 -12.01 19.66 -22.17
CA TYR B 281 -12.07 20.55 -21.00
C TYR B 281 -13.39 20.36 -20.25
N ALA B 282 -14.50 20.27 -20.98
CA ALA B 282 -15.77 19.98 -20.35
C ALA B 282 -15.70 18.67 -19.58
N ALA B 283 -15.16 17.61 -20.20
CA ALA B 283 -15.03 16.34 -19.51
C ALA B 283 -14.25 16.49 -18.21
N PHE B 284 -13.07 17.10 -18.28
CA PHE B 284 -12.25 17.26 -17.08
C PHE B 284 -12.92 18.17 -16.06
N THR B 285 -13.58 19.23 -16.53
CA THR B 285 -14.21 20.16 -15.60
C THR B 285 -15.27 19.46 -14.77
N PHE B 286 -16.08 18.61 -15.42
CA PHE B 286 -17.05 17.80 -14.69
C PHE B 286 -16.36 16.82 -13.75
N SER B 287 -15.28 16.20 -14.22
CA SER B 287 -14.54 15.28 -13.37
C SER B 287 -13.97 15.98 -12.15
N HIS B 288 -13.46 17.22 -12.32
CA HIS B 288 -12.94 17.96 -11.19
C HIS B 288 -14.05 18.28 -10.20
N TRP B 289 -15.23 18.64 -10.71
CA TRP B 289 -16.36 18.95 -9.84
C TRP B 289 -16.89 17.70 -9.13
N LEU B 290 -16.86 16.56 -9.80
CA LEU B 290 -17.42 15.35 -9.19
C LEU B 290 -16.66 14.99 -7.92
N VAL B 291 -15.36 15.25 -7.89
CA VAL B 291 -14.58 14.93 -6.70
C VAL B 291 -15.13 15.70 -5.50
N TYR B 292 -15.26 17.02 -5.64
CA TYR B 292 -15.81 17.83 -4.55
C TYR B 292 -17.28 17.50 -4.30
N ALA B 293 -17.99 17.03 -5.33
CA ALA B 293 -19.37 16.59 -5.12
C ALA B 293 -19.43 15.41 -4.16
N ASN B 294 -18.41 14.54 -4.17
CA ASN B 294 -18.38 13.42 -3.24
C ASN B 294 -18.27 13.90 -1.80
N SER B 295 -17.61 15.04 -1.57
CA SER B 295 -17.48 15.54 -0.20
C SER B 295 -18.82 15.93 0.38
N ALA B 296 -19.65 16.61 -0.42
CA ALA B 296 -21.02 16.88 0.00
C ALA B 296 -21.90 15.64 -0.04
N ALA B 297 -21.51 14.62 -0.80
CA ALA B 297 -22.35 13.43 -0.95
C ALA B 297 -22.38 12.60 0.34
N ASN B 298 -21.24 12.48 1.00
CA ASN B 298 -21.17 11.56 2.14
C ASN B 298 -22.15 11.89 3.26
N PRO B 299 -22.23 13.12 3.74
CA PRO B 299 -23.18 13.40 4.82
C PRO B 299 -24.62 13.10 4.44
N ILE B 300 -24.99 13.32 3.17
CA ILE B 300 -26.35 12.96 2.76
C ILE B 300 -26.56 11.46 2.86
N ILE B 301 -25.50 10.69 2.58
CA ILE B 301 -25.59 9.23 2.70
C ILE B 301 -25.86 8.85 4.15
N TYR B 302 -25.21 9.54 5.10
CA TYR B 302 -25.43 9.23 6.51
C TYR B 302 -26.85 9.60 6.91
N ASN B 303 -27.36 10.71 6.39
CA ASN B 303 -28.69 11.15 6.79
C ASN B 303 -29.76 10.17 6.34
N PHE B 304 -29.54 9.51 5.20
CA PHE B 304 -30.50 8.54 4.67
C PHE B 304 -30.24 7.12 5.17
N LEU B 305 -28.98 6.70 5.26
CA LEU B 305 -28.66 5.32 5.58
C LEU B 305 -28.14 5.14 7.00
N SER B 306 -28.21 6.19 7.82
CA SER B 306 -27.79 6.10 9.22
C SER B 306 -28.75 6.91 10.05
N GLY B 307 -29.58 6.24 10.85
CA GLY B 307 -30.52 6.95 11.67
C GLY B 307 -29.86 7.68 12.83
N LYS B 308 -28.64 7.28 13.18
CA LYS B 308 -27.90 7.99 14.22
C LYS B 308 -27.35 9.31 13.70
N PHE B 309 -26.78 9.28 12.48
CA PHE B 309 -26.41 10.53 11.81
C PHE B 309 -27.65 11.33 11.44
N ARG B 310 -28.68 10.66 10.94
CA ARG B 310 -29.93 11.35 10.61
C ARG B 310 -30.49 12.05 11.84
N GLU B 311 -30.35 11.42 13.02
CA GLU B 311 -30.80 12.06 14.25
C GLU B 311 -29.95 13.27 14.63
N GLN B 312 -28.65 13.24 14.32
CA GLN B 312 -27.80 14.38 14.62
C GLN B 312 -27.96 15.52 13.62
N PHE B 313 -28.21 15.21 12.34
CA PHE B 313 -28.30 16.27 11.34
C PHE B 313 -29.61 17.05 11.46
N LYS B 314 -30.73 16.33 11.58
CA LYS B 314 -32.02 17.00 11.71
C LYS B 314 -32.13 17.80 13.00
N ALA B 315 -31.48 17.32 14.07
CA ALA B 315 -31.55 18.03 15.35
C ALA B 315 -30.87 19.40 15.29
N ALA B 316 -29.82 19.54 14.49
CA ALA B 316 -29.16 20.84 14.39
C ALA B 316 -30.05 21.88 13.73
N PHE B 317 -30.92 21.45 12.83
CA PHE B 317 -31.78 22.38 12.11
C PHE B 317 -32.79 23.06 13.03
N SER B 318 -33.17 22.40 14.14
CA SER B 318 -34.11 23.00 15.09
C SER B 318 -33.46 24.13 15.88
N TRP B 319 -32.19 23.97 16.25
CA TRP B 319 -31.48 25.03 16.96
C TRP B 319 -31.31 26.25 16.06
N TRP B 320 -31.36 26.02 14.75
CA TRP B 320 -31.17 27.04 13.73
C TRP B 320 -32.48 27.69 13.30
N LEU B 321 -33.58 26.92 13.27
CA LEU B 321 -34.84 27.45 12.76
C LEU B 321 -35.74 27.86 13.92
N PRO B 322 -36.17 26.92 14.79
CA PRO B 322 -36.93 27.37 15.96
C PRO B 322 -36.09 27.31 17.23
C1 NVN C . 1.92 -21.98 -6.27
C10 NVN C . 3.01 -20.18 -4.86
C11 NVN C . 3.41 -17.38 -4.06
C12 NVN C . 3.27 -14.91 -3.86
C13 NVN C . 3.69 -13.77 -3.17
C14 NVN C . 3.18 -12.53 -3.50
C15 NVN C . 2.22 -12.39 -4.52
C16 NVN C . 1.81 -13.55 -5.20
C17 NVN C . 2.32 -14.78 -4.87
C18 NVN C . 0.71 -11.02 -5.87
C19 NVN C . 2.16 -9.96 -4.17
C2 NVN C . 2.90 -21.54 -5.20
C3 NVN C . 4.53 -22.14 -3.66
C4 NVN C . 5.29 -23.15 -3.06
C5 NVN C . 6.20 -22.83 -2.09
C6 NVN C . 6.36 -21.52 -1.70
C7 NVN C . 5.65 -20.50 -2.25
C8 NVN C . 4.70 -20.79 -3.26
C9 NVN C . 3.89 -19.79 -3.90
F1 NVN C . 7.28 -21.24 -0.73
F2 NVN C . 5.15 -24.44 -3.43
N1 NVN C . 3.62 -22.49 -4.64
N2 NVN C . 4.06 -18.44 -3.49
N3 NVN C . 3.79 -16.17 -3.52
N4 NVN C . 1.72 -11.16 -4.85
O1 NVN C . 2.58 -17.50 -4.95
H3 NVN C . 2.26 -22.77 -6.72
H1 NVN C . 1.80 -21.26 -6.91
H2 NVN C . 1.07 -22.20 -5.85
H6 NVN C . 2.47 -19.54 -5.29
H9 NVN C . 4.33 -13.85 -2.48
H10 NVN C . 3.46 -11.77 -3.03
H11 NVN C . 1.17 -13.48 -5.90
H12 NVN C . 2.04 -15.56 -5.35
H13 NVN C . 0.71 -11.80 -6.45
H14 NVN C . 0.89 -10.22 -6.40
H15 NVN C . -0.18 -10.93 -5.46
H16 NVN C . 2.22 -10.12 -3.21
H17 NVN C . 1.54 -9.23 -4.34
H18 NVN C . 3.04 -9.71 -4.51
H4 NVN C . 6.72 -23.51 -1.69
H5 NVN C . 5.78 -19.62 -1.96
H7 NVN C . 4.61 -18.27 -2.86
H8 NVN C . 4.42 -16.20 -2.92
C1 NVN D . 5.51 -21.90 -7.70
C10 NVN D . 5.86 -19.51 -6.98
C11 NVN D . 6.60 -16.04 -5.85
C12 NVN D . 5.96 -13.59 -6.09
C13 NVN D . 6.79 -12.94 -5.17
C14 NVN D . 6.75 -11.57 -5.04
C15 NVN D . 5.91 -10.77 -5.85
C16 NVN D . 5.09 -11.44 -6.79
C17 NVN D . 5.12 -12.82 -6.91
C18 NVN D . 4.94 -8.60 -6.49
C19 NVN D . 6.80 -8.71 -4.87
C2 NVN D . 6.19 -20.86 -6.85
C3 NVN D . 7.73 -20.40 -5.17
C4 NVN D . 8.67 -20.88 -4.25
C5 NVN D . 9.33 -20.01 -3.44
C6 NVN D . 9.08 -18.67 -3.52
C7 NVN D . 8.17 -18.13 -4.37
C8 NVN D . 7.46 -19.00 -5.24
C9 NVN D . 6.48 -18.57 -6.19
F1 NVN D . 9.76 -17.85 -2.68
F2 NVN D . 8.94 -22.19 -4.17
N1 NVN D . 7.08 -21.29 -5.98
N2 NVN D . 6.13 -17.21 -6.39
N3 NVN D . 5.89 -14.98 -6.35
N4 NVN D . 5.87 -9.40 -5.73
O1 NVN D . 7.41 -15.95 -4.94
H3 NVN D . 6.02 -22.02 -8.53
H1 NVN D . 4.62 -21.61 -7.92
H2 NVN D . 5.48 -22.74 -7.23
H6 NVN D . 5.22 -19.24 -7.62
H9 NVN D . 7.36 -13.45 -4.62
H10 NVN D . 7.31 -11.15 -4.41
H11 NVN D . 4.52 -10.94 -7.34
H12 NVN D . 4.57 -13.24 -7.54
H13 NVN D . 4.02 -8.83 -6.25
H14 NVN D . 5.06 -8.77 -7.44
H15 NVN D . 5.09 -7.66 -6.31
H16 NVN D . 7.41 -9.34 -4.47
H17 NVN D . 6.31 -8.26 -4.16
H18 NVN D . 7.31 -8.05 -5.38
H4 NVN D . 9.97 -20.34 -2.83
H5 NVN D . 8.02 -17.21 -4.40
H7 NVN D . 5.50 -17.09 -6.95
H8 NVN D . 5.26 -15.21 -6.93
C1 SOG E . 18.82 -33.57 -18.32
C2 SOG E . 18.82 -33.24 -19.81
C3 SOG E . 17.89 -34.21 -20.52
C4 SOG E . 18.27 -35.65 -20.21
C5 SOG E . 18.45 -35.88 -18.70
C6 SOG E . 19.09 -37.24 -18.41
C1' SOG E . 18.81 -30.93 -17.43
C2' SOG E . 18.47 -30.49 -16.04
C3' SOG E . 17.84 -31.58 -15.22
C4' SOG E . 17.58 -31.19 -13.79
C5' SOG E . 16.96 -32.29 -12.97
C6' SOG E . 16.65 -31.93 -11.54
C7' SOG E . 17.83 -31.77 -10.62
C8' SOG E . 17.34 -31.50 -9.23
S1 SOG E . 19.86 -32.43 -17.39
O2 SOG E . 18.39 -31.91 -20.04
O3 SOG E . 17.94 -33.98 -21.93
O4 SOG E . 17.27 -36.55 -20.68
O5 SOG E . 19.32 -34.88 -18.14
O6 SOG E . 18.42 -38.27 -19.15
C1 SOG F . -1.66 2.17 15.06
C2 SOG F . -0.66 2.79 16.04
C3 SOG F . 0.04 3.98 15.38
C4 SOG F . 0.63 3.57 14.05
C5 SOG F . -0.43 2.92 13.17
C6 SOG F . 0.12 2.41 11.86
C1' SOG F . -3.82 0.50 14.59
C2' SOG F . -4.87 -0.57 14.84
C3' SOG F . -4.36 -1.97 14.58
C4' SOG F . -5.43 -3.05 14.64
C5' SOG F . -6.52 -2.93 13.59
C6' SOG F . -7.08 -4.28 13.16
C7' SOG F . -8.56 -4.31 12.84
C8' SOG F . -9.41 -4.17 14.07
S1 SOG F . -2.47 0.72 15.79
O2 SOG F . -1.33 3.25 17.20
O3 SOG F . 1.05 4.51 16.24
O4 SOG F . 1.17 4.71 13.37
O5 SOG F . -1.01 1.79 13.86
O6 SOG F . 0.69 3.48 11.10
C1 SOG G . -4.46 -4.87 -17.36
C2 SOG G . -3.44 -4.19 -16.50
C3 SOG G . -4.09 -3.71 -15.21
C4 SOG G . -5.32 -2.87 -15.50
C5 SOG G . -6.24 -3.53 -16.54
C6 SOG G . -7.32 -2.57 -17.02
C1' SOG G . -5.10 -6.24 -19.70
C2' SOG G . -4.71 -6.78 -21.06
C3' SOG G . -5.87 -7.42 -21.80
C4' SOG G . -5.46 -7.92 -23.17
C5' SOG G . -6.54 -8.61 -23.97
C6' SOG G . -7.07 -9.87 -23.34
C7' SOG G . -8.03 -9.62 -22.22
C8' SOG G . -9.33 -9.01 -22.68
S1 SOG G . -3.68 -5.43 -18.90
O2 SOG G . -2.36 -5.07 -16.19
O3 SOG G . -3.16 -2.96 -14.43
O4 SOG G . -6.08 -2.65 -14.30
O5 SOG G . -5.50 -3.95 -17.69
O6 SOG G . -8.00 -1.98 -15.92
C1 SOG H . -12.84 -17.14 -7.76
C2 SOG H . -12.00 -18.04 -8.67
C3 SOG H . -11.14 -17.19 -9.60
C4 SOG H . -11.97 -16.15 -10.31
C5 SOG H . -12.72 -15.32 -9.29
C6 SOG H . -13.61 -14.28 -9.91
C1' SOG H . -13.04 -18.99 -5.66
C2' SOG H . -13.98 -19.90 -4.91
C3' SOG H . -15.35 -19.28 -4.81
C4' SOG H . -16.40 -20.22 -4.27
C5' SOG H . -17.80 -19.64 -4.33
C6' SOG H . -18.87 -20.48 -3.68
C7' SOG H . -20.23 -19.84 -3.70
C8' SOG H . -21.28 -20.62 -2.96
S1 SOG H . -14.07 -18.11 -6.88
O2 SOG H . -11.16 -18.89 -7.89
O3 SOG H . -10.46 -18.03 -10.54
O4 SOG H . -11.13 -15.30 -11.09
O5 SOG H . -13.56 -16.17 -8.50
O6 SOG H . -13.35 -12.98 -9.37
C1 SOG I . 0.25 -8.96 -24.27
C2 SOG I . -0.61 -9.03 -23.03
C3 SOG I . -1.10 -7.62 -22.65
C4 SOG I . 0.07 -6.65 -22.57
C5 SOG I . 0.88 -6.70 -23.86
C6 SOG I . 2.11 -5.83 -23.83
C1' SOG I . 2.47 -9.94 -25.56
C2' SOG I . 3.69 -9.78 -24.68
C3' SOG I . 4.75 -8.92 -25.34
C4' SOG I . 6.09 -8.97 -24.63
C5' SOG I . 6.93 -10.18 -24.99
C6' SOG I . 8.34 -9.83 -25.42
C7' SOG I . 8.39 -8.85 -26.55
C8' SOG I . 9.78 -8.40 -26.96
S1 SOG I . 0.99 -10.55 -24.69
O2 SOG I . -1.73 -9.87 -23.26
O3 SOG I . -1.78 -7.66 -21.40
O4 SOG I . -0.40 -5.32 -22.38
O5 SOG I . 1.32 -8.05 -24.09
O6 SOG I . 2.87 -6.01 -25.01
S SO4 J . 25.87 1.03 15.74
O1 SO4 J . 25.82 1.37 14.32
O2 SO4 J . 27.24 0.68 16.12
O3 SO4 J . 25.43 2.18 16.52
O4 SO4 J . 25.01 -0.13 15.99
S SO4 K . 16.00 9.33 16.37
O1 SO4 K . 16.35 9.15 14.96
O2 SO4 K . 17.12 9.87 17.14
O3 SO4 K . 14.90 10.27 16.49
O4 SO4 K . 15.61 8.02 16.89
CAD PGW L . 11.00 20.60 -1.05
OAE PGW L . 10.00 21.56 -1.36
OAF PGW L . 10.30 19.06 -2.76
P PGW L . 14.40 17.51 -3.32
C01 PGW L . 10.73 14.66 -3.56
C1 PGW L . 12.70 14.04 -6.63
O01 PGW L . 11.67 14.26 -5.80
C02 PGW L . 11.98 14.57 -4.42
C2 PGW L . 12.95 15.13 -7.64
O02 PGW L . 13.37 13.05 -6.53
C03 PGW L . 12.73 15.88 -4.51
C3 PGW L . 11.73 15.59 -8.37
O03 PGW L . 10.18 13.34 -3.34
C04 PGW L . 12.56 18.86 -2.00
C4 PGW L . 10.98 14.46 -9.06
O04 PGW L . 11.55 13.04 -1.61
C05 PGW L . 11.41 19.81 -2.27
C5 PGW L . 9.97 13.77 -8.17
C06 PGW L . 9.39 7.77 -10.97
C6 PGW L . 9.17 12.68 -8.86
C07 PGW L . 8.99 6.42 -10.43
C7 PGW L . 9.99 11.51 -9.38
C08 PGW L . 8.50 6.44 -9.00
C8 PGW L . 9.31 10.18 -9.25
C09 PGW L . 8.07 5.10 -8.45
C9 PGW L . 8.29 9.88 -10.30
C10 PGW L . 8.28 8.77 -11.00
C11 PGW L . 7.10 5.22 -7.31
O11 PGW L . 13.50 16.19 -3.32
C12 PGW L . 5.82 5.91 -7.69
O12 PGW L . 13.28 18.67 -3.25
C13 PGW L . 4.96 6.27 -6.51
O13 PGW L . 15.22 17.60 -2.06
C14 PGW L . 4.45 5.06 -5.77
O14 PGW L . 15.06 17.62 -4.66
C15 PGW L . 6.30 4.17 2.39
C16 PGW L . 5.21 4.25 1.34
C17 PGW L . 4.13 3.22 1.55
C18 PGW L . 3.00 3.29 0.54
C19 PGW L . 10.62 12.67 -2.28
C20 PGW L . 9.82 11.41 -2.01
C21 PGW L . 9.16 11.37 -0.66
C22 PGW L . 9.50 10.09 0.12
C23 PGW L . 8.38 9.53 0.97
C24 PGW L . 8.73 8.23 1.68
C25 PGW L . 7.55 7.36 2.07
C26 PGW L . 7.94 6.08 2.76
C27 PGW L . 7.60 4.82 2.00
C28 PGW L . 2.08 2.10 0.58
C29 PGW L . 1.51 -0.08 -0.54
C30 PGW L . 2.04 1.32 -0.69
CAD PGW M . -17.77 -15.86 0.28
OAE PGW M . -18.40 -15.88 1.55
OAF PGW M . -16.43 -17.85 0.66
P PGW M . -14.35 -17.04 -1.40
C01 PGW M . -12.67 -14.42 -4.09
C1 PGW M . -11.61 -12.58 -1.14
O01 PGW M . -12.21 -12.85 -2.31
C02 PGW M . -12.57 -14.24 -2.59
C2 PGW M . -11.63 -11.11 -0.78
O02 PGW M . -11.08 -13.45 -0.50
C03 PGW M . -13.88 -14.47 -1.88
C3 PGW M . -10.92 -10.73 0.48
O03 PGW M . -11.56 -13.77 -4.74
C04 PGW M . -16.97 -17.33 -1.63
C4 PGW M . -10.67 -9.23 0.55
O04 PGW M . -11.36 -15.45 -6.17
C05 PGW M . -17.42 -17.26 -0.19
C5 PGW M . -10.07 -8.73 1.85
C06 PGW M . -6.77 -3.09 2.37
C6 PGW M . -9.50 -7.33 1.76
C07 PGW M . -5.99 -2.07 1.63
C7 PGW M . -9.72 -6.47 3.00
C08 PGW M . -4.56 -1.94 2.09
C8 PGW M . -8.76 -5.33 3.15
C09 PGW M . -3.75 -0.90 1.33
C9 PGW M . -8.97 -4.24 2.14
C10 PGW M . -8.13 -3.31 1.78
C11 PGW M . -3.58 -1.20 -0.15
O11 PGW M . -14.54 -15.71 -2.29
C12 PGW M . -2.89 -0.10 -0.92
O12 PGW M . -15.65 -17.91 -1.77
C13 PGW M . -1.51 0.29 -0.48
O13 PGW M . -13.13 -17.78 -1.87
C14 PGW M . -1.33 1.79 -0.35
O14 PGW M . -14.44 -16.64 0.05
C15 PGW M . -8.89 -7.59 -8.71
C16 PGW M . -8.78 -6.15 -8.28
C17 PGW M . -7.36 -5.66 -8.09
C18 PGW M . -6.74 -6.09 -6.77
C19 PGW M . -11.19 -14.29 -5.90
C20 PGW M . -10.62 -13.28 -6.84
C21 PGW M . -9.32 -12.70 -6.38
C22 PGW M . -8.52 -12.04 -7.49
C23 PGW M . -9.11 -10.76 -8.06
C24 PGW M . -10.19 -10.96 -9.09
C25 PGW M . -10.40 -9.75 -9.98
C26 PGW M . -9.15 -9.22 -10.63
C27 PGW M . -8.79 -7.82 -10.20
C28 PGW M . -5.27 -5.78 -6.67
C29 PGW M . -3.28 -5.13 -5.26
C30 PGW M . -4.75 -5.50 -5.29
C1 NVN N . -3.09 20.51 -12.74
C10 NVN N . -3.87 19.31 -10.66
C11 NVN N . -4.09 16.97 -8.82
C12 NVN N . -3.86 14.81 -7.62
C13 NVN N . -4.21 14.06 -6.50
C14 NVN N . -3.74 12.77 -6.35
C15 NVN N . -2.90 12.17 -7.31
C16 NVN N . -2.55 12.96 -8.43
C17 NVN N . -3.02 14.24 -8.58
C18 NVN N . -1.59 10.28 -8.16
C19 NVN N . -2.76 10.09 -5.99
C2 NVN N . -3.85 20.47 -11.46
C3 NVN N . -5.18 21.62 -9.94
C4 NVN N . -5.84 22.81 -9.56
C5 NVN N . -6.55 22.86 -8.40
C6 NVN N . -6.63 21.76 -7.59
C7 NVN N . -6.02 20.59 -7.89
C8 NVN N . -5.26 20.50 -9.08
C9 NVN N . -4.58 19.31 -9.49
F1 NVN N . -7.35 21.85 -6.44
F2 NVN N . -5.78 23.90 -10.35
N1 NVN N . -4.47 21.60 -11.10
N2 NVN N . -4.68 18.19 -8.63
N3 NVN N . -4.36 16.12 -7.78
N4 NVN N . -2.42 10.88 -7.15
O1 NVN N . -3.43 16.65 -9.80
H3 NVN N . -3.52 21.13 -13.36
H1 NVN N . -3.09 19.62 -13.14
H2 NVN N . -2.18 20.79 -12.58
H6 NVN N . -3.41 18.54 -10.94
H9 NVN N . -4.78 14.44 -5.85
H10 NVN N . -3.98 12.28 -5.58
H11 NVN N . -1.98 12.59 -9.09
H12 NVN N . -2.77 14.74 -9.35
H13 NVN N . -1.37 10.94 -8.84
H14 NVN N . -2.05 9.54 -8.58
H15 NVN N . -0.77 9.96 -7.76
H16 NVN N . -3.10 10.66 -5.28
H17 NVN N . -1.97 9.62 -5.67
H18 NVN N . -3.44 9.44 -6.22
H4 NVN N . -6.99 23.66 -8.16
H5 NVN N . -6.08 19.86 -7.31
H7 NVN N . -5.14 18.30 -7.91
H8 NVN N . -4.88 16.42 -7.14
C1 SOG O . -0.94 33.96 -1.47
C2 SOG O . -1.41 35.02 -2.46
C3 SOG O . -0.46 35.10 -3.66
C4 SOG O . 0.96 35.26 -3.19
C5 SOG O . 1.30 34.11 -2.28
C6 SOG O . 2.73 34.20 -1.77
C1' SOG O . -1.45 32.63 0.95
C2' SOG O . -2.22 32.52 2.25
C3' SOG O . -1.76 31.36 3.11
C4' SOG O . -2.80 30.27 3.24
C5' SOG O . -3.81 30.49 4.35
C6' SOG O . -4.81 29.36 4.51
C7' SOG O . -5.74 29.48 5.69
C8' SOG O . -6.76 28.37 5.78
S1 SOG O . -1.99 34.08 0.01
O2 SOG O . -2.72 34.71 -2.94
O3 SOG O . -0.82 36.18 -4.52
O4 SOG O . 1.83 35.24 -4.31
O5 SOG O . 0.42 34.13 -1.13
O6 SOG O . 3.21 32.91 -1.42
C1 SOG P . 5.21 33.16 -6.64
C2 SOG P . 5.57 34.44 -5.87
C3 SOG P . 4.96 35.64 -6.58
C4 SOG P . 5.30 35.65 -8.05
C5 SOG P . 4.98 34.31 -8.69
C6 SOG P . 5.40 34.22 -10.15
C1' SOG P . 7.51 32.26 -5.34
C2' SOG P . 8.18 31.28 -4.42
C3' SOG P . 8.19 29.88 -4.96
C4' SOG P . 8.93 28.89 -4.09
C5' SOG P . 8.88 27.46 -4.59
C6' SOG P . 9.72 26.49 -3.81
C7' SOG P . 9.39 26.41 -2.33
C8' SOG P . 10.24 25.43 -1.57
S1 SOG P . 5.85 31.67 -5.83
O2 SOG P . 5.08 34.39 -4.54
O3 SOG P . 5.34 36.86 -5.95
O4 SOG P . 4.55 36.67 -8.72
O5 SOG P . 5.66 33.26 -7.98
O6 SOG P . 4.73 35.20 -10.93
C1' SOG Q . 5.94 18.35 3.64
C2' SOG Q . 6.87 18.26 2.44
C3' SOG Q . 6.93 19.55 1.66
C4' SOG Q . 5.67 19.81 0.88
C5' SOG Q . 5.63 21.19 0.27
C6' SOG Q . 6.73 21.46 -0.70
C7' SOG Q . 6.65 22.84 -1.30
C8' SOG Q . 7.81 23.12 -2.22
S1 SOG Q . 6.04 16.79 4.60
C1 SOG R . 11.72 16.17 -12.17
C2 SOG R . 11.51 15.77 -13.62
C3 SOG R . 11.40 14.26 -13.73
C4 SOG R . 12.59 13.58 -13.09
C5 SOG R . 12.75 14.09 -11.66
C6 SOG R . 13.99 13.52 -10.98
C1' SOG R . 11.58 18.37 -10.43
C2' SOG R . 11.68 19.87 -10.27
C3' SOG R . 11.76 20.31 -8.83
C4' SOG R . 12.26 21.72 -8.69
C5' SOG R . 12.65 22.11 -7.28
C6' SOG R . 11.50 22.20 -6.31
C7' SOG R . 11.91 22.56 -4.91
C8' SOG R . 10.74 22.73 -3.96
S1 SOG R . 11.96 17.95 -12.16
O2 SOG R . 10.32 16.37 -14.13
O3 SOG R . 11.29 13.87 -15.10
O4 SOG R . 12.43 12.16 -13.05
O5 SOG R . 12.88 15.53 -11.65
O6 SOG R . 13.92 12.10 -10.94
C1 SOG S . -31.75 -15.73 25.06
C2 SOG S . -31.83 -17.25 25.03
C3 SOG S . -33.07 -17.75 24.29
C4 SOG S . -34.30 -17.06 24.81
C5 SOG S . -34.11 -15.57 24.66
C6 SOG S . -35.32 -14.77 25.11
C1' SOG S . -29.74 -13.86 25.80
C2' SOG S . -28.44 -13.76 26.55
C3' SOG S . -27.71 -12.44 26.36
C4' SOG S . -28.26 -11.32 27.21
C5' SOG S . -27.50 -10.02 27.08
C6' SOG S . -28.09 -8.87 27.86
C7' SOG S . -27.44 -7.53 27.58
C8' SOG S . -28.10 -6.37 28.28
S1 SOG S . -30.49 -15.44 26.31
O2 SOG S . -30.66 -17.78 24.39
O3 SOG S . -33.19 -19.17 24.43
O4 SOG S . -35.44 -17.48 24.07
O5 SOG S . -32.99 -15.16 25.46
O6 SOG S . -35.30 -13.46 24.53
S SO4 T . -19.16 -4.16 16.05
O1 SO4 T . -19.01 -2.93 16.85
O2 SO4 T . -17.89 -4.47 15.40
O3 SO4 T . -20.17 -3.97 15.01
O4 SO4 T . -19.57 -5.22 16.95
#